data_8OVT
#
_entry.id   8OVT
#
_cell.length_a   156.854
_cell.length_b   156.854
_cell.length_c   154.964
_cell.angle_alpha   90.000
_cell.angle_beta   90.000
_cell.angle_gamma   90.000
#
_symmetry.space_group_name_H-M   'P 43 21 2'
#
loop_
_entity.id
_entity.type
_entity.pdbx_description
1 polymer 'YeGT glycosyltransferase'
2 non-polymer 1,2-ETHANEDIOL
3 non-polymer 'CHLORIDE ION'
4 water water
#
_entity_poly.entity_id   1
_entity_poly.type   'polypeptide(L)'
_entity_poly.pdbx_seq_one_letter_code
;GSMQYFAQIVNREENKWPSEPINKYIHMIWIGPKNISDKNIRLSLQTAQKNPDYSTTIIYDSGISGYEAARNFMSEKFKA
SKITLVDIRNKGYFHQLQQEPSFTYYEEVIRNKKFAQASDILRLLVLKYEGGIYKDIDDIQIKGFGSLAFPKGIGVMREY
VPEAGKSAAFPNSPIAATKNNPVVNKTLELAVENYRHGEKNVLKLAGPDVFTKALYQEIPGMCSQVLGTQLEQFELAKRQ
ALKMPLEKPKSFIDEQLTLQEKAKISRPYKAIRGLSEYVCNGADHSWATDMLGSSTKMY
;
_entity_poly.pdbx_strand_id   A,B,C,D
#
loop_
_chem_comp.id
_chem_comp.type
_chem_comp.name
_chem_comp.formula
CL non-polymer 'CHLORIDE ION' 'Cl -1'
EDO non-polymer 1,2-ETHANEDIOL 'C2 H6 O2'
#
# COMPACT_ATOMS: atom_id res chain seq x y z
N GLY A 1 -39.38 -24.44 -10.32
CA GLY A 1 -38.50 -23.44 -10.90
C GLY A 1 -37.02 -23.77 -10.78
N SER A 2 -36.20 -23.04 -11.53
CA SER A 2 -34.75 -23.20 -11.48
C SER A 2 -34.11 -21.82 -11.56
N MET A 3 -33.01 -21.65 -10.85
CA MET A 3 -32.28 -20.39 -10.75
C MET A 3 -33.14 -19.25 -10.22
N GLN A 4 -34.33 -19.56 -9.69
CA GLN A 4 -35.20 -18.53 -9.15
C GLN A 4 -34.62 -17.93 -7.88
N TYR A 5 -33.90 -18.73 -7.09
CA TYR A 5 -33.23 -18.19 -5.90
C TYR A 5 -32.07 -17.29 -6.31
N PHE A 6 -31.28 -17.71 -7.29
CA PHE A 6 -30.16 -16.89 -7.74
C PHE A 6 -30.65 -15.59 -8.35
N ALA A 7 -31.73 -15.64 -9.13
CA ALA A 7 -32.33 -14.42 -9.65
C ALA A 7 -32.92 -13.55 -8.56
N GLN A 8 -33.30 -14.15 -7.43
CA GLN A 8 -33.81 -13.35 -6.31
C GLN A 8 -32.66 -12.62 -5.60
N ILE A 9 -31.50 -13.26 -5.49
CA ILE A 9 -30.35 -12.60 -4.88
C ILE A 9 -29.93 -11.39 -5.70
N VAL A 10 -29.91 -11.54 -7.03
CA VAL A 10 -29.50 -10.44 -7.90
C VAL A 10 -30.47 -9.27 -7.80
N ASN A 11 -31.77 -9.56 -7.68
CA ASN A 11 -32.75 -8.49 -7.55
C ASN A 11 -32.67 -7.82 -6.18
N ARG A 12 -32.30 -8.58 -5.15
CA ARG A 12 -32.12 -7.99 -3.82
C ARG A 12 -30.97 -6.98 -3.83
N GLU A 13 -29.91 -7.25 -4.59
CA GLU A 13 -28.77 -6.36 -4.63
C GLU A 13 -29.05 -5.09 -5.42
N GLU A 14 -30.08 -5.09 -6.28
CA GLU A 14 -30.37 -3.92 -7.09
C GLU A 14 -31.04 -2.81 -6.29
N ASN A 15 -31.89 -3.17 -5.33
CA ASN A 15 -32.63 -2.21 -4.53
C ASN A 15 -32.38 -2.44 -3.04
N LYS A 16 -31.14 -2.79 -2.69
CA LYS A 16 -30.81 -3.08 -1.30
C LYS A 16 -30.93 -1.85 -0.41
N TRP A 17 -30.68 -0.66 -0.96
CA TRP A 17 -30.83 0.58 -0.21
C TRP A 17 -31.81 1.49 -0.93
N PRO A 18 -32.93 1.85 -0.33
CA PRO A 18 -33.88 2.73 -1.01
C PRO A 18 -33.33 4.14 -1.17
N SER A 19 -33.67 4.76 -2.29
CA SER A 19 -33.20 6.11 -2.57
C SER A 19 -33.92 7.13 -1.69
N GLU A 20 -33.15 7.99 -1.03
CA GLU A 20 -33.63 9.02 -0.12
C GLU A 20 -33.59 10.39 -0.79
N PRO A 21 -34.62 11.20 -0.62
CA PRO A 21 -34.65 12.50 -1.28
C PRO A 21 -33.64 13.47 -0.70
N ILE A 22 -33.22 14.42 -1.53
CA ILE A 22 -32.22 15.41 -1.16
C ILE A 22 -32.89 16.77 -1.08
N ASN A 23 -32.63 17.50 0.00
CA ASN A 23 -33.16 18.85 0.15
C ASN A 23 -32.68 19.74 -0.99
N LYS A 24 -33.54 20.68 -1.40
CA LYS A 24 -33.24 21.52 -2.55
C LYS A 24 -32.55 22.81 -2.09
N TYR A 25 -31.31 22.63 -1.65
CA TYR A 25 -30.42 23.74 -1.30
C TYR A 25 -29.08 23.52 -1.99
N ILE A 26 -28.60 24.53 -2.70
CA ILE A 26 -27.28 24.50 -3.31
C ILE A 26 -26.36 25.38 -2.47
N HIS A 27 -25.46 24.76 -1.71
CA HIS A 27 -24.55 25.47 -0.84
C HIS A 27 -23.22 25.68 -1.58
N MET A 28 -22.80 26.94 -1.67
CA MET A 28 -21.51 27.31 -2.25
C MET A 28 -20.80 28.22 -1.27
N ILE A 29 -19.47 28.13 -1.24
CA ILE A 29 -18.66 28.82 -0.25
C ILE A 29 -17.64 29.71 -0.95
N TRP A 30 -17.49 30.93 -0.44
CA TRP A 30 -16.41 31.82 -0.90
C TRP A 30 -16.04 32.71 0.28
N ILE A 31 -15.01 32.32 1.01
CA ILE A 31 -14.57 33.02 2.20
C ILE A 31 -13.20 33.65 1.95
N GLY A 32 -12.93 34.74 2.66
CA GLY A 32 -11.66 35.43 2.54
C GLY A 32 -11.82 36.80 1.91
N PRO A 33 -10.72 37.56 1.85
CA PRO A 33 -10.76 38.90 1.26
C PRO A 33 -10.51 38.96 -0.24
N LYS A 34 -10.26 37.83 -0.89
CA LYS A 34 -10.00 37.84 -2.33
C LYS A 34 -11.31 37.88 -3.10
N ASN A 35 -11.40 38.78 -4.07
CA ASN A 35 -12.62 38.95 -4.85
C ASN A 35 -12.90 37.73 -5.71
N ILE A 36 -14.19 37.42 -5.88
CA ILE A 36 -14.59 36.33 -6.75
C ILE A 36 -14.31 36.71 -8.20
N SER A 37 -13.81 35.76 -8.97
CA SER A 37 -13.42 36.03 -10.35
C SER A 37 -14.65 36.21 -11.23
N ASP A 38 -14.42 36.79 -12.42
CA ASP A 38 -15.50 37.00 -13.36
C ASP A 38 -16.07 35.68 -13.88
N LYS A 39 -15.22 34.67 -14.05
CA LYS A 39 -15.70 33.36 -14.48
C LYS A 39 -16.59 32.74 -13.43
N ASN A 40 -16.17 32.78 -12.17
CA ASN A 40 -16.94 32.16 -11.09
C ASN A 40 -18.27 32.88 -10.86
N ILE A 41 -18.33 34.19 -11.16
CA ILE A 41 -19.60 34.90 -11.07
C ILE A 41 -20.56 34.40 -12.14
N ARG A 42 -20.06 34.21 -13.37
CA ARG A 42 -20.91 33.71 -14.44
C ARG A 42 -21.37 32.28 -14.18
N LEU A 43 -20.47 31.44 -13.65
CA LEU A 43 -20.86 30.07 -13.32
C LEU A 43 -21.86 30.02 -12.19
N SER A 44 -21.75 30.94 -11.22
CA SER A 44 -22.71 30.97 -10.11
C SER A 44 -24.09 31.38 -10.59
N LEU A 45 -24.16 32.38 -11.47
CA LEU A 45 -25.43 32.78 -12.06
C LEU A 45 -26.03 31.64 -12.88
N GLN A 46 -25.19 30.98 -13.68
CA GLN A 46 -25.66 29.83 -14.46
C GLN A 46 -26.14 28.71 -13.56
N THR A 47 -25.53 28.55 -12.38
CA THR A 47 -25.99 27.54 -11.44
C THR A 47 -27.40 27.82 -10.96
N ALA A 48 -27.67 29.07 -10.57
CA ALA A 48 -29.00 29.41 -10.07
C ALA A 48 -30.04 29.40 -11.17
N GLN A 49 -29.67 29.83 -12.38
CA GLN A 49 -30.62 29.85 -13.48
C GLN A 49 -31.05 28.44 -13.88
N LYS A 50 -30.12 27.51 -13.92
CA LYS A 50 -30.44 26.13 -14.29
C LYS A 50 -31.15 25.36 -13.18
N ASN A 51 -31.26 25.93 -11.98
CA ASN A 51 -31.98 25.30 -10.87
C ASN A 51 -32.91 26.32 -10.24
N PRO A 52 -34.03 26.64 -10.90
CA PRO A 52 -35.00 27.58 -10.31
C PRO A 52 -35.74 27.00 -9.12
N ASP A 53 -35.84 25.67 -9.02
CA ASP A 53 -36.47 25.04 -7.87
C ASP A 53 -35.52 24.88 -6.69
N TYR A 54 -34.26 25.28 -6.83
CA TYR A 54 -33.28 25.28 -5.76
C TYR A 54 -33.00 26.71 -5.31
N SER A 55 -32.75 26.87 -4.02
CA SER A 55 -32.29 28.14 -3.47
C SER A 55 -30.78 28.09 -3.37
N THR A 56 -30.09 28.89 -4.18
CA THR A 56 -28.64 28.89 -4.24
C THR A 56 -28.08 29.99 -3.35
N THR A 57 -27.13 29.63 -2.49
CA THR A 57 -26.52 30.57 -1.57
C THR A 57 -25.01 30.47 -1.64
N ILE A 58 -24.34 31.61 -1.50
CA ILE A 58 -22.88 31.67 -1.39
C ILE A 58 -22.57 32.05 0.05
N ILE A 59 -21.81 31.19 0.73
CA ILE A 59 -21.53 31.33 2.16
C ILE A 59 -20.18 32.01 2.32
N TYR A 60 -20.18 33.16 2.98
CA TYR A 60 -18.96 33.86 3.35
C TYR A 60 -18.81 33.86 4.87
N ASP A 61 -17.70 34.42 5.34
CA ASP A 61 -17.39 34.46 6.77
C ASP A 61 -17.01 35.88 7.17
N SER A 62 -17.69 36.40 8.18
CA SER A 62 -17.40 37.73 8.71
C SER A 62 -16.35 37.71 9.81
N GLY A 63 -15.87 36.54 10.21
CA GLY A 63 -14.81 36.41 11.18
C GLY A 63 -13.41 36.53 10.61
N ILE A 64 -13.29 36.84 9.33
CA ILE A 64 -12.01 37.04 8.67
C ILE A 64 -11.85 38.53 8.40
N SER A 65 -10.78 39.12 8.93
CA SER A 65 -10.54 40.53 8.73
C SER A 65 -10.33 40.84 7.25
N GLY A 66 -10.95 41.92 6.78
CA GLY A 66 -10.91 42.26 5.38
C GLY A 66 -11.95 41.58 4.52
N TYR A 67 -12.98 41.00 5.12
CA TYR A 67 -14.01 40.30 4.36
C TYR A 67 -15.00 41.25 3.70
N GLU A 68 -15.13 42.48 4.19
CA GLU A 68 -16.14 43.38 3.68
C GLU A 68 -15.87 43.77 2.23
N ALA A 69 -14.59 44.00 1.88
CA ALA A 69 -14.25 44.40 0.53
C ALA A 69 -14.68 43.34 -0.49
N ALA A 70 -14.45 42.07 -0.18
CA ALA A 70 -14.85 41.00 -1.10
C ALA A 70 -16.35 40.76 -1.06
N ARG A 71 -16.96 40.88 0.12
CA ARG A 71 -18.40 40.68 0.24
C ARG A 71 -19.16 41.81 -0.45
N ASN A 72 -18.71 43.05 -0.30
CA ASN A 72 -19.33 44.16 -1.04
C ASN A 72 -19.22 43.95 -2.53
N PHE A 73 -18.14 43.31 -2.99
CA PHE A 73 -17.98 43.03 -4.40
C PHE A 73 -19.00 41.99 -4.89
N MET A 74 -19.30 41.00 -4.05
CA MET A 74 -20.23 39.95 -4.46
C MET A 74 -21.66 40.46 -4.50
N SER A 75 -22.06 41.29 -3.53
CA SER A 75 -23.43 41.79 -3.50
C SER A 75 -23.74 42.62 -4.74
N GLU A 76 -22.82 43.52 -5.12
CA GLU A 76 -23.03 44.32 -6.32
C GLU A 76 -23.11 43.47 -7.58
N LYS A 77 -22.43 42.32 -7.58
CA LYS A 77 -22.44 41.44 -8.73
C LYS A 77 -23.61 40.46 -8.72
N PHE A 78 -24.21 40.19 -7.57
CA PHE A 78 -25.31 39.24 -7.46
C PHE A 78 -26.60 39.85 -6.95
N LYS A 79 -26.71 41.19 -6.95
CA LYS A 79 -27.89 41.82 -6.36
C LYS A 79 -29.15 41.65 -7.20
N ALA A 80 -29.00 41.36 -8.49
CA ALA A 80 -30.13 41.20 -9.40
C ALA A 80 -30.36 39.74 -9.77
N SER A 81 -30.14 38.84 -8.82
CA SER A 81 -30.19 37.40 -9.10
C SER A 81 -30.76 36.67 -7.90
N LYS A 82 -30.89 35.35 -8.05
CA LYS A 82 -31.33 34.48 -6.96
C LYS A 82 -30.19 34.12 -6.02
N ILE A 83 -28.95 34.47 -6.36
CA ILE A 83 -27.83 34.26 -5.46
C ILE A 83 -27.98 35.18 -4.25
N THR A 84 -28.12 34.59 -3.06
CA THR A 84 -28.23 35.34 -1.82
C THR A 84 -27.05 34.99 -0.93
N LEU A 85 -26.24 35.99 -0.60
CA LEU A 85 -25.10 35.78 0.27
C LEU A 85 -25.57 35.56 1.70
N VAL A 86 -25.07 34.49 2.32
CA VAL A 86 -25.41 34.14 3.69
C VAL A 86 -24.12 34.05 4.50
N ASP A 87 -24.04 34.81 5.58
CA ASP A 87 -22.90 34.74 6.49
C ASP A 87 -23.02 33.49 7.35
N ILE A 88 -21.92 32.73 7.43
CA ILE A 88 -21.92 31.52 8.25
C ILE A 88 -22.13 31.86 9.72
N ARG A 89 -21.67 33.04 10.15
CA ARG A 89 -21.88 33.45 11.54
C ARG A 89 -23.36 33.65 11.84
N ASN A 90 -24.11 34.14 10.86
CA ASN A 90 -25.53 34.43 11.04
C ASN A 90 -26.42 33.23 10.73
N LYS A 91 -25.85 32.02 10.72
CA LYS A 91 -26.65 30.83 10.48
C LYS A 91 -27.50 30.50 11.71
N GLY A 92 -28.63 29.85 11.47
CA GLY A 92 -29.57 29.54 12.52
C GLY A 92 -29.12 28.41 13.42
N TYR A 93 -27.87 27.96 13.24
CA TYR A 93 -27.31 26.88 14.05
C TYR A 93 -25.86 27.16 14.42
N PHE A 94 -25.41 28.41 14.30
CA PHE A 94 -24.01 28.75 14.53
C PHE A 94 -23.58 28.38 15.94
N HIS A 95 -24.48 28.51 16.92
CA HIS A 95 -24.13 28.12 18.29
C HIS A 95 -23.86 26.62 18.39
N GLN A 96 -24.52 25.82 17.54
CA GLN A 96 -24.22 24.39 17.49
C GLN A 96 -22.93 24.11 16.74
N LEU A 97 -22.58 24.97 15.77
CA LEU A 97 -21.30 24.80 15.08
C LEU A 97 -20.14 25.10 16.01
N GLN A 98 -20.29 26.06 16.92
CA GLN A 98 -19.24 26.36 17.89
C GLN A 98 -18.96 25.19 18.81
N GLN A 99 -19.93 24.29 18.99
CA GLN A 99 -19.77 23.10 19.82
C GLN A 99 -19.27 21.90 19.02
N GLU A 100 -18.87 22.11 17.76
CA GLU A 100 -18.34 21.04 16.93
C GLU A 100 -16.83 20.98 17.04
N PRO A 101 -16.23 19.79 17.17
CA PRO A 101 -14.77 19.71 17.28
C PRO A 101 -14.05 20.24 16.04
N SER A 102 -14.65 20.06 14.86
CA SER A 102 -13.99 20.49 13.63
C SER A 102 -13.97 22.01 13.50
N PHE A 103 -14.92 22.71 14.12
CA PHE A 103 -14.99 24.16 13.97
C PHE A 103 -13.81 24.86 14.65
N THR A 104 -13.27 24.26 15.72
CA THR A 104 -12.05 24.81 16.31
C THR A 104 -10.90 24.80 15.32
N TYR A 105 -10.75 23.69 14.59
CA TYR A 105 -9.75 23.66 13.52
C TYR A 105 -10.13 24.57 12.37
N TYR A 106 -11.43 24.70 12.08
CA TYR A 106 -11.87 25.68 11.10
C TYR A 106 -11.44 27.08 11.49
N GLU A 107 -11.68 27.45 12.75
CA GLU A 107 -11.21 28.75 13.25
C GLU A 107 -9.70 28.83 13.23
N GLU A 108 -9.02 27.74 13.57
CA GLU A 108 -7.56 27.75 13.58
C GLU A 108 -6.98 27.83 12.17
N VAL A 109 -7.72 27.34 11.17
CA VAL A 109 -7.21 27.34 9.80
C VAL A 109 -7.47 28.68 9.13
N ILE A 110 -8.61 29.32 9.41
CA ILE A 110 -8.87 30.62 8.81
C ILE A 110 -7.96 31.68 9.41
N ARG A 111 -7.55 31.51 10.68
CA ARG A 111 -6.57 32.43 11.26
C ARG A 111 -5.26 32.38 10.50
N ASN A 112 -4.83 31.18 10.10
CA ASN A 112 -3.66 31.01 9.27
C ASN A 112 -3.92 31.35 7.80
N LYS A 113 -5.12 31.83 7.49
CA LYS A 113 -5.50 32.25 6.14
C LYS A 113 -5.38 31.11 5.12
N LYS A 114 -5.65 29.88 5.56
CA LYS A 114 -5.72 28.74 4.66
C LYS A 114 -7.18 28.47 4.29
N PHE A 115 -7.72 29.39 3.49
CA PHE A 115 -9.16 29.42 3.25
C PHE A 115 -9.64 28.19 2.51
N ALA A 116 -8.88 27.73 1.50
CA ALA A 116 -9.27 26.54 0.76
C ALA A 116 -9.30 25.32 1.67
N GLN A 117 -8.30 25.19 2.54
CA GLN A 117 -8.27 24.08 3.50
C GLN A 117 -9.43 24.18 4.50
N ALA A 118 -9.88 25.39 4.80
CA ALA A 118 -11.02 25.55 5.71
C ALA A 118 -12.34 25.27 5.01
N SER A 119 -12.43 25.51 3.69
CA SER A 119 -13.66 25.25 2.96
C SER A 119 -13.97 23.76 2.93
N ASP A 120 -12.95 22.90 3.01
CA ASP A 120 -13.18 21.46 3.04
C ASP A 120 -13.89 21.03 4.31
N ILE A 121 -13.76 21.82 5.38
CA ILE A 121 -14.41 21.50 6.65
C ILE A 121 -15.82 22.07 6.69
N LEU A 122 -15.98 23.32 6.26
CA LEU A 122 -17.27 24.01 6.41
C LEU A 122 -18.34 23.35 5.53
N ARG A 123 -17.96 22.86 4.35
CA ARG A 123 -18.95 22.25 3.46
C ARG A 123 -19.59 21.02 4.08
N LEU A 124 -18.85 20.29 4.92
CA LEU A 124 -19.41 19.12 5.58
C LEU A 124 -20.31 19.52 6.75
N LEU A 125 -19.96 20.60 7.45
CA LEU A 125 -20.80 21.08 8.54
C LEU A 125 -22.13 21.60 8.02
N VAL A 126 -22.11 22.30 6.88
CA VAL A 126 -23.35 22.80 6.31
C VAL A 126 -24.23 21.64 5.86
N LEU A 127 -23.64 20.64 5.20
CA LEU A 127 -24.40 19.46 4.81
C LEU A 127 -24.86 18.64 5.99
N LYS A 128 -24.18 18.75 7.13
CA LYS A 128 -24.60 18.01 8.33
C LYS A 128 -25.91 18.57 8.88
N TYR A 129 -26.01 19.89 9.02
CA TYR A 129 -27.17 20.48 9.64
C TYR A 129 -28.30 20.73 8.64
N GLU A 130 -27.97 21.33 7.50
CA GLU A 130 -28.98 21.66 6.50
C GLU A 130 -29.18 20.55 5.47
N GLY A 131 -28.09 19.93 5.02
CA GLY A 131 -28.18 18.96 3.95
C GLY A 131 -28.35 19.64 2.61
N GLY A 132 -28.57 18.80 1.60
CA GLY A 132 -28.75 19.29 0.25
C GLY A 132 -27.58 18.97 -0.67
N ILE A 133 -27.19 19.94 -1.49
CA ILE A 133 -26.12 19.77 -2.46
C ILE A 133 -25.08 20.86 -2.23
N TYR A 134 -23.84 20.48 -1.95
CA TYR A 134 -22.74 21.42 -1.96
C TYR A 134 -22.09 21.45 -3.33
N LYS A 135 -21.73 22.63 -3.79
CA LYS A 135 -21.04 22.79 -5.06
C LYS A 135 -20.06 23.96 -4.92
N ASP A 136 -18.97 23.88 -5.68
CA ASP A 136 -17.96 24.93 -5.63
C ASP A 136 -18.21 25.96 -6.72
N ILE A 137 -17.66 27.16 -6.51
CA ILE A 137 -17.87 28.26 -7.43
C ILE A 137 -17.26 27.96 -8.80
N ASP A 138 -16.25 27.09 -8.84
CA ASP A 138 -15.59 26.73 -10.09
C ASP A 138 -16.24 25.54 -10.79
N ASP A 139 -17.15 24.83 -10.14
CA ASP A 139 -17.82 23.69 -10.76
C ASP A 139 -18.85 24.17 -11.76
N ILE A 140 -18.83 23.60 -12.96
CA ILE A 140 -19.70 24.01 -14.05
C ILE A 140 -21.00 23.25 -13.98
N GLN A 141 -22.12 23.96 -14.01
CA GLN A 141 -23.44 23.36 -13.98
C GLN A 141 -23.84 22.97 -15.39
N ILE A 142 -23.85 21.68 -15.68
CA ILE A 142 -24.20 21.20 -17.02
C ILE A 142 -25.71 21.30 -17.23
N LYS A 143 -26.48 20.61 -16.39
CA LYS A 143 -27.93 20.69 -16.43
C LYS A 143 -28.47 20.74 -15.01
N GLY A 144 -29.72 21.17 -14.88
CA GLY A 144 -30.32 21.29 -13.57
C GLY A 144 -30.45 19.95 -12.87
N PHE A 145 -30.49 19.99 -11.54
CA PHE A 145 -30.57 18.77 -10.77
C PHE A 145 -31.98 18.16 -10.82
N GLY A 146 -33.00 18.98 -10.59
CA GLY A 146 -34.32 18.44 -10.43
C GLY A 146 -34.44 17.76 -9.07
N SER A 147 -35.48 16.93 -8.95
CA SER A 147 -35.68 16.14 -7.74
C SER A 147 -34.71 14.96 -7.74
N LEU A 148 -33.74 15.00 -6.83
CA LEU A 148 -32.71 13.97 -6.75
C LEU A 148 -32.95 13.07 -5.55
N ALA A 149 -32.71 11.77 -5.74
CA ALA A 149 -32.79 10.80 -4.66
C ALA A 149 -31.67 9.78 -4.86
N PHE A 150 -30.88 9.56 -3.81
CA PHE A 150 -29.73 8.68 -3.91
C PHE A 150 -29.81 7.55 -2.90
N PRO A 151 -29.33 6.36 -3.24
CA PRO A 151 -29.21 5.29 -2.24
C PRO A 151 -28.28 5.73 -1.11
N LYS A 152 -28.65 5.35 0.12
CA LYS A 152 -27.98 5.78 1.34
C LYS A 152 -28.00 7.29 1.51
N GLY A 153 -28.79 8.01 0.71
CA GLY A 153 -28.89 9.45 0.83
C GLY A 153 -27.61 10.21 0.54
N ILE A 154 -26.76 9.68 -0.34
CA ILE A 154 -25.48 10.31 -0.64
C ILE A 154 -25.22 10.25 -2.15
N GLY A 155 -24.88 11.39 -2.72
CA GLY A 155 -24.54 11.45 -4.14
C GLY A 155 -23.20 12.14 -4.33
N VAL A 156 -22.39 11.56 -5.21
CA VAL A 156 -21.02 12.03 -5.44
C VAL A 156 -20.74 12.03 -6.94
N MET A 157 -19.51 12.40 -7.28
CA MET A 157 -19.02 12.36 -8.64
C MET A 157 -18.29 11.04 -8.91
N ARG A 158 -17.99 10.80 -10.17
CA ARG A 158 -17.08 9.71 -10.52
C ARG A 158 -15.71 9.99 -9.92
N GLU A 159 -15.06 8.94 -9.44
CA GLU A 159 -13.75 9.10 -8.81
C GLU A 159 -12.69 9.37 -9.85
N TYR A 160 -11.71 10.20 -9.49
CA TYR A 160 -10.56 10.49 -10.34
C TYR A 160 -9.33 9.80 -9.78
N VAL A 161 -8.27 9.79 -10.58
CA VAL A 161 -7.02 9.17 -10.17
C VAL A 161 -5.95 10.25 -10.09
N PRO A 162 -5.41 10.54 -8.92
CA PRO A 162 -4.25 11.44 -8.84
C PRO A 162 -3.11 10.91 -9.69
N GLU A 163 -2.41 11.83 -10.35
CA GLU A 163 -1.41 11.45 -11.34
C GLU A 163 -0.26 10.65 -10.74
N ALA A 164 -0.06 10.71 -9.43
CA ALA A 164 1.01 9.99 -8.77
C ALA A 164 0.55 9.07 -7.65
N GLY A 165 -0.70 9.17 -7.22
CA GLY A 165 -1.20 8.34 -6.15
C GLY A 165 -1.41 6.89 -6.60
N LYS A 166 -1.81 6.07 -5.62
CA LYS A 166 -2.08 4.66 -5.88
C LYS A 166 -3.53 4.28 -5.61
N SER A 167 -4.36 5.20 -5.13
CA SER A 167 -5.77 4.94 -4.88
C SER A 167 -6.59 6.06 -5.50
N ALA A 168 -7.77 5.71 -6.00
CA ALA A 168 -8.67 6.69 -6.57
C ALA A 168 -9.26 7.57 -5.47
N ALA A 169 -9.96 8.62 -5.88
CA ALA A 169 -10.53 9.56 -4.92
C ALA A 169 -11.81 10.16 -5.50
N PHE A 170 -12.85 10.20 -4.69
CA PHE A 170 -14.06 10.92 -5.07
C PHE A 170 -13.89 12.40 -4.72
N PRO A 171 -14.18 13.31 -5.64
CA PRO A 171 -14.09 14.74 -5.30
C PRO A 171 -15.06 15.09 -4.19
N ASN A 172 -14.63 16.01 -3.31
CA ASN A 172 -15.48 16.50 -2.24
C ASN A 172 -16.37 17.65 -2.69
N SER A 173 -16.62 17.75 -4.00
CA SER A 173 -17.41 18.80 -4.61
C SER A 173 -17.69 18.43 -6.07
N PRO A 174 -18.96 18.34 -6.48
CA PRO A 174 -20.13 18.52 -5.63
C PRO A 174 -20.49 17.30 -4.80
N ILE A 175 -21.20 17.51 -3.69
CA ILE A 175 -21.67 16.43 -2.82
C ILE A 175 -23.15 16.64 -2.55
N ALA A 176 -23.95 15.63 -2.84
CA ALA A 176 -25.36 15.60 -2.48
C ALA A 176 -25.53 14.69 -1.27
N ALA A 177 -26.24 15.16 -0.26
CA ALA A 177 -26.38 14.39 0.97
C ALA A 177 -27.67 14.78 1.68
N THR A 178 -28.23 13.82 2.41
CA THR A 178 -29.35 14.09 3.29
C THR A 178 -28.86 14.77 4.56
N LYS A 179 -29.80 15.38 5.28
CA LYS A 179 -29.47 16.03 6.54
C LYS A 179 -28.91 15.01 7.54
N ASN A 180 -27.77 15.35 8.14
CA ASN A 180 -27.10 14.50 9.12
C ASN A 180 -26.80 13.12 8.53
N ASN A 181 -26.10 13.12 7.41
CA ASN A 181 -25.79 11.89 6.69
C ASN A 181 -24.61 11.18 7.33
N PRO A 182 -24.66 9.85 7.43
CA PRO A 182 -23.54 9.12 8.07
C PRO A 182 -22.20 9.30 7.36
N VAL A 183 -22.20 9.37 6.03
CA VAL A 183 -20.95 9.54 5.30
C VAL A 183 -20.34 10.91 5.61
N VAL A 184 -21.18 11.94 5.71
CA VAL A 184 -20.69 13.27 6.05
C VAL A 184 -20.16 13.29 7.48
N ASN A 185 -20.85 12.61 8.40
CA ASN A 185 -20.38 12.57 9.78
C ASN A 185 -19.05 11.83 9.90
N LYS A 186 -18.93 10.67 9.24
CA LYS A 186 -17.69 9.92 9.29
C LYS A 186 -16.52 10.68 8.67
N THR A 187 -16.80 11.50 7.65
CA THR A 187 -15.74 12.34 7.10
C THR A 187 -15.30 13.40 8.10
N LEU A 188 -16.25 13.95 8.87
CA LEU A 188 -15.90 14.91 9.91
C LEU A 188 -15.13 14.25 11.04
N GLU A 189 -15.49 13.01 11.39
CA GLU A 189 -14.77 12.29 12.44
C GLU A 189 -13.32 12.05 12.03
N LEU A 190 -13.11 11.56 10.81
CA LEU A 190 -11.75 11.35 10.33
C LEU A 190 -10.98 12.65 10.21
N ALA A 191 -11.67 13.74 9.85
CA ALA A 191 -11.00 15.03 9.75
C ALA A 191 -10.51 15.52 11.11
N VAL A 192 -11.31 15.30 12.15
CA VAL A 192 -10.91 15.70 13.49
C VAL A 192 -9.71 14.89 13.96
N GLU A 193 -9.71 13.58 13.68
CA GLU A 193 -8.58 12.74 14.05
C GLU A 193 -7.31 13.14 13.31
N ASN A 194 -7.45 13.58 12.06
CA ASN A 194 -6.27 14.01 11.30
C ASN A 194 -5.72 15.32 11.85
N TYR A 195 -6.60 16.27 12.19
CA TYR A 195 -6.13 17.53 12.76
C TYR A 195 -5.62 17.33 14.19
N ARG A 196 -6.20 16.41 14.94
CA ARG A 196 -5.68 16.11 16.28
C ARG A 196 -4.27 15.54 16.19
N HIS A 197 -3.99 14.77 15.15
CA HIS A 197 -2.68 14.15 14.97
C HIS A 197 -1.71 15.03 14.19
N GLY A 198 -1.98 16.34 14.10
CA GLY A 198 -1.07 17.28 13.47
C GLY A 198 -0.68 16.93 12.05
N GLU A 199 -1.60 16.35 11.28
CA GLU A 199 -1.32 15.97 9.90
C GLU A 199 -0.93 17.17 9.05
N LYS A 200 0.38 17.32 8.77
CA LYS A 200 0.83 18.40 7.91
C LYS A 200 0.53 18.13 6.44
N ASN A 201 0.18 16.90 6.08
CA ASN A 201 -0.19 16.57 4.71
C ASN A 201 -1.59 17.09 4.43
N VAL A 202 -1.71 18.00 3.47
CA VAL A 202 -3.01 18.58 3.13
C VAL A 202 -3.98 17.57 2.55
N LEU A 203 -3.47 16.46 2.01
CA LEU A 203 -4.36 15.44 1.46
C LEU A 203 -5.03 14.64 2.56
N LYS A 204 -4.32 14.38 3.65
CA LYS A 204 -4.85 13.60 4.77
C LYS A 204 -5.44 14.50 5.85
N LEU A 205 -6.32 15.42 5.45
CA LEU A 205 -6.98 16.32 6.39
C LEU A 205 -8.49 16.26 6.24
N ALA A 206 -9.03 17.06 5.31
CA ALA A 206 -10.46 17.08 5.06
C ALA A 206 -10.78 17.09 3.57
N GLY A 207 -9.83 16.70 2.72
CA GLY A 207 -10.00 16.75 1.30
C GLY A 207 -10.65 15.50 0.73
N PRO A 208 -10.51 15.31 -0.59
CA PRO A 208 -11.16 14.16 -1.24
C PRO A 208 -10.67 12.81 -0.74
N ASP A 209 -9.39 12.71 -0.36
CA ASP A 209 -8.88 11.43 0.13
C ASP A 209 -9.51 11.02 1.46
N VAL A 210 -9.84 12.00 2.30
CA VAL A 210 -10.52 11.70 3.56
C VAL A 210 -11.99 11.40 3.33
N PHE A 211 -12.63 12.18 2.44
CA PHE A 211 -14.02 11.91 2.09
C PHE A 211 -14.18 10.53 1.46
N THR A 212 -13.21 10.13 0.63
CA THR A 212 -13.25 8.80 0.03
C THR A 212 -13.15 7.71 1.08
N LYS A 213 -12.19 7.86 2.01
CA LYS A 213 -12.00 6.84 3.04
C LYS A 213 -13.25 6.68 3.90
N ALA A 214 -13.94 7.78 4.20
CA ALA A 214 -15.17 7.67 4.97
C ALA A 214 -16.28 7.05 4.14
N LEU A 215 -16.30 7.31 2.83
CA LEU A 215 -17.31 6.69 1.97
C LEU A 215 -17.12 5.19 1.87
N TYR A 216 -15.87 4.71 1.91
CA TYR A 216 -15.62 3.27 1.83
C TYR A 216 -16.01 2.56 3.12
N GLN A 217 -15.88 3.21 4.27
CA GLN A 217 -16.24 2.57 5.52
C GLN A 217 -17.75 2.37 5.64
N GLU A 218 -18.53 3.38 5.24
CA GLU A 218 -19.98 3.26 5.33
C GLU A 218 -20.55 2.42 4.19
N ILE A 219 -20.01 2.57 2.99
CA ILE A 219 -20.49 1.83 1.82
C ILE A 219 -19.30 1.13 1.18
N PRO A 220 -18.94 -0.07 1.63
CA PRO A 220 -17.73 -0.73 1.10
C PRO A 220 -17.77 -1.00 -0.38
N GLY A 221 -18.95 -1.07 -1.00
CA GLY A 221 -19.03 -1.37 -2.42
C GLY A 221 -18.56 -0.24 -3.32
N MET A 222 -18.44 0.99 -2.79
CA MET A 222 -17.99 2.11 -3.61
C MET A 222 -16.57 1.93 -4.12
N CYS A 223 -15.75 1.13 -3.45
CA CYS A 223 -14.44 0.79 -3.96
C CYS A 223 -14.60 -0.12 -5.18
N SER A 224 -13.99 0.29 -6.30
CA SER A 224 -14.18 -0.44 -7.56
C SER A 224 -13.72 -1.89 -7.44
N GLN A 225 -12.62 -2.12 -6.72
CA GLN A 225 -12.15 -3.49 -6.54
C GLN A 225 -13.11 -4.32 -5.70
N VAL A 226 -13.78 -3.69 -4.72
CA VAL A 226 -14.70 -4.43 -3.87
C VAL A 226 -15.92 -4.89 -4.68
N LEU A 227 -16.51 -3.97 -5.45
CA LEU A 227 -17.65 -4.35 -6.28
C LEU A 227 -17.23 -5.37 -7.34
N GLY A 228 -16.03 -5.22 -7.90
CA GLY A 228 -15.53 -6.21 -8.84
C GLY A 228 -15.35 -7.57 -8.22
N THR A 229 -14.92 -7.61 -6.96
CA THR A 229 -14.84 -8.88 -6.24
C THR A 229 -16.22 -9.46 -6.03
N GLN A 230 -17.21 -8.62 -5.74
CA GLN A 230 -18.58 -9.11 -5.56
C GLN A 230 -19.14 -9.70 -6.84
N LEU A 231 -18.79 -9.12 -7.99
CA LEU A 231 -19.23 -9.68 -9.26
C LEU A 231 -18.58 -11.03 -9.53
N GLU A 232 -17.29 -11.16 -9.18
CA GLU A 232 -16.62 -12.45 -9.34
C GLU A 232 -17.22 -13.50 -8.43
N GLN A 233 -17.74 -13.11 -7.27
CA GLN A 233 -18.36 -14.07 -6.37
C GLN A 233 -19.71 -14.54 -6.91
N PHE A 234 -20.47 -13.63 -7.52
CA PHE A 234 -21.72 -14.03 -8.17
C PHE A 234 -21.45 -14.90 -9.40
N GLU A 235 -20.32 -14.67 -10.09
CA GLU A 235 -19.94 -15.53 -11.20
C GLU A 235 -19.70 -16.96 -10.73
N LEU A 236 -19.01 -17.13 -9.59
CA LEU A 236 -18.79 -18.46 -9.05
C LEU A 236 -20.08 -19.05 -8.49
N ALA A 237 -20.93 -18.21 -7.88
CA ALA A 237 -22.18 -18.70 -7.32
C ALA A 237 -23.12 -19.17 -8.41
N LYS A 238 -23.15 -18.47 -9.54
CA LYS A 238 -24.00 -18.89 -10.66
C LYS A 238 -23.52 -20.21 -11.24
N ARG A 239 -22.20 -20.41 -11.28
CA ARG A 239 -21.67 -21.67 -11.79
C ARG A 239 -22.00 -22.84 -10.87
N GLN A 240 -22.02 -22.59 -9.56
CA GLN A 240 -22.36 -23.66 -8.62
C GLN A 240 -23.84 -24.02 -8.72
N ALA A 241 -24.71 -23.02 -8.90
CA ALA A 241 -26.12 -23.30 -9.11
C ALA A 241 -26.35 -23.95 -10.48
N LEU A 242 -25.55 -23.56 -11.48
CA LEU A 242 -25.60 -24.18 -12.80
C LEU A 242 -24.96 -25.56 -12.83
N LYS A 243 -24.28 -25.97 -11.76
CA LYS A 243 -23.47 -27.19 -11.74
C LYS A 243 -22.45 -27.18 -12.88
N MET A 244 -21.80 -26.03 -13.07
CA MET A 244 -20.75 -25.80 -14.04
C MET A 244 -19.39 -25.81 -13.35
N PRO A 245 -18.28 -25.92 -14.12
CA PRO A 245 -16.94 -25.90 -13.51
C PRO A 245 -16.73 -24.70 -12.58
N LEU A 246 -16.52 -24.98 -11.30
CA LEU A 246 -16.32 -23.94 -10.29
C LEU A 246 -14.94 -23.31 -10.51
N GLU A 247 -14.90 -22.36 -11.44
CA GLU A 247 -13.64 -21.70 -11.79
C GLU A 247 -13.95 -20.31 -12.33
N LYS A 248 -12.94 -19.46 -12.30
CA LYS A 248 -13.05 -18.14 -12.90
C LYS A 248 -12.95 -18.25 -14.42
N PRO A 249 -13.88 -17.67 -15.16
CA PRO A 249 -13.85 -17.80 -16.63
C PRO A 249 -12.59 -17.16 -17.20
N LYS A 250 -11.98 -17.88 -18.15
CA LYS A 250 -10.74 -17.40 -18.74
C LYS A 250 -10.99 -16.25 -19.69
N SER A 251 -11.99 -16.36 -20.56
CA SER A 251 -12.34 -15.33 -21.51
C SER A 251 -13.71 -14.74 -21.15
N PHE A 252 -14.13 -13.75 -21.93
CA PHE A 252 -15.40 -13.09 -21.65
C PHE A 252 -16.60 -13.95 -22.04
N ILE A 253 -16.47 -14.69 -23.14
CA ILE A 253 -17.59 -15.49 -23.63
C ILE A 253 -17.95 -16.62 -22.67
N ASP A 254 -17.04 -17.00 -21.78
CA ASP A 254 -17.31 -18.05 -20.81
C ASP A 254 -17.94 -17.52 -19.52
N GLU A 255 -18.16 -16.22 -19.42
CA GLU A 255 -18.75 -15.66 -18.21
C GLU A 255 -20.25 -15.97 -18.17
N GLN A 256 -20.70 -16.56 -17.05
CA GLN A 256 -22.11 -16.91 -16.93
C GLN A 256 -22.96 -15.72 -16.50
N LEU A 257 -22.40 -14.83 -15.68
CA LEU A 257 -23.09 -13.61 -15.29
C LEU A 257 -23.42 -12.76 -16.51
N THR A 258 -24.69 -12.61 -16.82
CA THR A 258 -25.09 -11.78 -17.95
C THR A 258 -24.84 -10.32 -17.65
N LEU A 259 -24.81 -9.51 -18.71
CA LEU A 259 -24.60 -8.07 -18.55
C LEU A 259 -25.74 -7.45 -17.74
N GLN A 260 -26.97 -7.94 -17.94
CA GLN A 260 -28.09 -7.43 -17.17
C GLN A 260 -27.93 -7.76 -15.69
N GLU A 261 -27.39 -8.94 -15.38
CA GLU A 261 -27.16 -9.32 -14.00
C GLU A 261 -26.06 -8.48 -13.37
N LYS A 262 -24.99 -8.20 -14.13
CA LYS A 262 -23.94 -7.31 -13.64
C LYS A 262 -24.49 -5.92 -13.38
N ALA A 263 -25.41 -5.45 -14.23
CA ALA A 263 -25.97 -4.11 -14.07
C ALA A 263 -26.87 -4.04 -12.83
N LYS A 264 -27.61 -5.11 -12.55
CA LYS A 264 -28.45 -5.13 -11.35
C LYS A 264 -27.60 -5.08 -10.08
N ILE A 265 -26.53 -5.87 -10.02
CA ILE A 265 -25.69 -5.88 -8.83
C ILE A 265 -25.00 -4.54 -8.64
N SER A 266 -24.62 -3.88 -9.75
CA SER A 266 -23.91 -2.61 -9.70
C SER A 266 -24.83 -1.40 -9.63
N ARG A 267 -26.15 -1.60 -9.66
CA ARG A 267 -27.08 -0.47 -9.70
C ARG A 267 -26.92 0.50 -8.54
N PRO A 268 -26.85 0.07 -7.28
CA PRO A 268 -26.73 1.07 -6.20
C PRO A 268 -25.50 1.93 -6.29
N TYR A 269 -24.34 1.33 -6.60
CA TYR A 269 -23.09 2.09 -6.63
C TYR A 269 -22.98 2.97 -7.87
N LYS A 270 -23.74 2.68 -8.93
CA LYS A 270 -23.80 3.58 -10.07
C LYS A 270 -24.64 4.81 -9.75
N ALA A 271 -25.75 4.63 -9.05
CA ALA A 271 -26.63 5.75 -8.73
C ALA A 271 -25.97 6.74 -7.79
N ILE A 272 -25.13 6.25 -6.87
CA ILE A 272 -24.45 7.14 -5.94
C ILE A 272 -23.52 8.09 -6.69
N ARG A 273 -22.99 7.65 -7.83
CA ARG A 273 -22.18 8.50 -8.71
C ARG A 273 -23.03 9.32 -9.67
N GLY A 274 -24.28 9.62 -9.29
CA GLY A 274 -25.21 10.23 -10.23
C GLY A 274 -24.94 11.69 -10.51
N LEU A 275 -24.16 12.37 -9.67
CA LEU A 275 -23.92 13.80 -9.86
C LEU A 275 -23.05 14.11 -11.07
N SER A 276 -22.45 13.10 -11.70
CA SER A 276 -21.54 13.35 -12.81
C SER A 276 -22.25 13.80 -14.07
N GLU A 277 -23.55 13.53 -14.19
CA GLU A 277 -24.32 13.96 -15.36
C GLU A 277 -24.92 15.35 -15.19
N TYR A 278 -24.76 15.97 -14.02
CA TYR A 278 -25.29 17.30 -13.76
C TYR A 278 -24.22 18.37 -13.65
N VAL A 279 -23.02 18.02 -13.18
CA VAL A 279 -21.98 19.01 -12.90
C VAL A 279 -20.68 18.56 -13.54
N CYS A 280 -19.91 19.54 -14.02
CA CYS A 280 -18.53 19.34 -14.45
C CYS A 280 -17.60 20.05 -13.48
N ASN A 281 -16.57 19.33 -13.01
CA ASN A 281 -15.69 19.87 -11.99
C ASN A 281 -14.80 20.98 -12.56
N GLY A 282 -14.53 21.98 -11.72
CA GLY A 282 -13.60 23.02 -12.08
C GLY A 282 -12.20 22.74 -11.54
N ALA A 283 -11.22 23.39 -12.15
CA ALA A 283 -9.81 23.19 -11.82
C ALA A 283 -9.18 24.44 -11.23
N ASP A 284 -9.97 25.27 -10.54
CA ASP A 284 -9.42 26.48 -9.93
C ASP A 284 -8.45 26.14 -8.81
N HIS A 285 -8.75 25.11 -8.01
CA HIS A 285 -7.84 24.71 -6.96
C HIS A 285 -6.58 24.04 -7.50
N SER A 286 -6.65 23.51 -8.73
CA SER A 286 -5.46 22.91 -9.33
C SER A 286 -4.40 23.96 -9.62
N TRP A 287 -4.80 25.12 -10.15
CA TRP A 287 -3.82 26.15 -10.47
C TRP A 287 -3.24 26.78 -9.21
N ALA A 288 -3.98 26.74 -8.11
CA ALA A 288 -3.52 27.29 -6.84
C ALA A 288 -2.48 26.37 -6.20
N SER B 2 -1.16 -23.81 56.33
CA SER B 2 -2.02 -22.66 56.15
C SER B 2 -1.28 -21.36 56.42
N MET B 3 -0.75 -21.22 57.63
CA MET B 3 -0.03 -20.00 57.98
C MET B 3 1.39 -20.00 57.42
N GLN B 4 2.06 -21.15 57.45
CA GLN B 4 3.38 -21.25 56.83
C GLN B 4 3.30 -21.06 55.32
N TYR B 5 2.19 -21.45 54.70
CA TYR B 5 2.01 -21.18 53.29
C TYR B 5 1.85 -19.68 53.02
N PHE B 6 1.19 -18.97 53.94
CA PHE B 6 1.08 -17.52 53.80
C PHE B 6 2.46 -16.86 53.88
N ALA B 7 3.33 -17.39 54.75
CA ALA B 7 4.68 -16.86 54.83
C ALA B 7 5.46 -17.10 53.55
N GLN B 8 5.14 -18.18 52.83
CA GLN B 8 5.82 -18.46 51.57
C GLN B 8 5.46 -17.41 50.51
N ILE B 9 4.16 -17.14 50.35
CA ILE B 9 3.73 -16.20 49.32
C ILE B 9 4.12 -14.77 49.67
N VAL B 10 4.44 -14.49 50.93
CA VAL B 10 5.00 -13.19 51.30
C VAL B 10 6.48 -13.12 50.96
N ASN B 11 7.24 -14.14 51.37
CA ASN B 11 8.68 -14.15 51.09
C ASN B 11 8.95 -14.31 49.60
N ARG B 12 8.04 -14.95 48.87
CA ARG B 12 8.17 -15.03 47.42
C ARG B 12 8.03 -13.68 46.75
N GLU B 13 7.43 -12.70 47.45
CA GLU B 13 7.14 -11.40 46.87
C GLU B 13 8.29 -10.40 47.03
N GLU B 14 9.18 -10.62 48.00
CA GLU B 14 10.30 -9.71 48.21
C GLU B 14 11.51 -10.04 47.35
N ASN B 15 11.52 -11.19 46.67
CA ASN B 15 12.63 -11.57 45.81
C ASN B 15 12.17 -11.96 44.41
N LYS B 16 10.92 -11.65 44.04
CA LYS B 16 10.40 -12.09 42.75
C LYS B 16 11.19 -11.51 41.58
N TRP B 17 11.78 -10.34 41.75
CA TRP B 17 12.58 -9.71 40.70
C TRP B 17 14.01 -9.56 41.18
N PRO B 18 14.92 -10.44 40.76
CA PRO B 18 16.32 -10.31 41.17
C PRO B 18 16.94 -9.05 40.59
N SER B 19 17.89 -8.49 41.34
CA SER B 19 18.54 -7.24 40.92
C SER B 19 19.41 -7.48 39.69
N GLU B 20 19.36 -6.52 38.76
CA GLU B 20 20.15 -6.58 37.54
C GLU B 20 21.21 -5.49 37.55
N PRO B 21 22.47 -5.83 37.28
CA PRO B 21 23.54 -4.83 37.40
C PRO B 21 23.43 -3.74 36.35
N ILE B 22 23.80 -2.53 36.76
CA ILE B 22 23.73 -1.35 35.89
C ILE B 22 25.12 -1.08 35.35
N ASN B 23 25.21 -0.83 34.04
CA ASN B 23 26.48 -0.46 33.44
C ASN B 23 27.03 0.79 34.11
N LYS B 24 28.36 0.83 34.27
CA LYS B 24 29.00 1.93 34.99
C LYS B 24 29.32 3.08 34.04
N TYR B 25 28.26 3.67 33.50
CA TYR B 25 28.33 4.86 32.67
C TYR B 25 27.40 5.92 33.26
N ILE B 26 27.91 7.13 33.40
CA ILE B 26 27.12 8.27 33.84
C ILE B 26 26.96 9.19 32.63
N HIS B 27 25.76 9.25 32.08
CA HIS B 27 25.46 10.09 30.93
C HIS B 27 24.85 11.40 31.40
N MET B 28 25.41 12.51 30.94
CA MET B 28 24.87 13.84 31.18
C MET B 28 24.78 14.56 29.84
N ILE B 29 23.75 15.40 29.70
CA ILE B 29 23.46 16.08 28.45
C ILE B 29 23.51 17.58 28.66
N TRP B 30 24.24 18.27 27.79
CA TRP B 30 24.22 19.75 27.72
C TRP B 30 24.38 20.12 26.25
N ILE B 31 23.25 20.25 25.57
CA ILE B 31 23.24 20.65 24.17
C ILE B 31 22.81 22.11 24.08
N GLY B 32 23.15 22.75 22.97
CA GLY B 32 22.79 24.13 22.75
C GLY B 32 23.98 25.06 22.67
N PRO B 33 23.73 26.32 22.32
CA PRO B 33 24.83 27.29 22.19
C PRO B 33 25.16 28.06 23.46
N LYS B 34 24.34 27.97 24.50
CA LYS B 34 24.61 28.69 25.73
C LYS B 34 25.59 27.92 26.60
N ASN B 35 26.55 28.65 27.18
CA ASN B 35 27.60 28.02 27.96
C ASN B 35 27.04 27.36 29.22
N ILE B 36 27.74 26.34 29.71
CA ILE B 36 27.38 25.70 30.95
C ILE B 36 27.66 26.63 32.11
N SER B 37 26.75 26.65 33.10
CA SER B 37 26.90 27.55 34.23
C SER B 37 28.09 27.14 35.10
N ASP B 38 28.52 28.07 35.96
CA ASP B 38 29.61 27.79 36.86
C ASP B 38 29.22 26.77 37.91
N LYS B 39 27.97 26.81 38.38
CA LYS B 39 27.50 25.84 39.35
C LYS B 39 27.51 24.43 38.78
N ASN B 40 27.01 24.28 37.56
CA ASN B 40 26.92 22.95 36.94
C ASN B 40 28.29 22.38 36.58
N ILE B 41 29.32 23.22 36.49
CA ILE B 41 30.67 22.71 36.30
C ILE B 41 31.19 22.09 37.59
N ARG B 42 31.00 22.80 38.71
CA ARG B 42 31.41 22.25 40.00
C ARG B 42 30.65 20.97 40.32
N LEU B 43 29.36 20.94 40.02
CA LEU B 43 28.57 19.73 40.28
C LEU B 43 29.00 18.60 39.36
N SER B 44 29.36 18.90 38.12
CA SER B 44 29.81 17.86 37.19
C SER B 44 31.18 17.32 37.62
N LEU B 45 32.10 18.20 38.01
CA LEU B 45 33.38 17.74 38.54
C LEU B 45 33.19 16.88 39.78
N GLN B 46 32.29 17.29 40.67
CA GLN B 46 32.01 16.49 41.86
C GLN B 46 31.39 15.15 41.49
N THR B 47 30.60 15.10 40.43
CA THR B 47 29.99 13.84 40.00
C THR B 47 31.06 12.83 39.59
N ALA B 48 31.96 13.24 38.70
CA ALA B 48 33.01 12.33 38.24
C ALA B 48 33.98 12.00 39.38
N GLN B 49 34.27 12.97 40.25
CA GLN B 49 35.21 12.73 41.34
C GLN B 49 34.68 11.70 42.32
N LYS B 50 33.38 11.70 42.58
CA LYS B 50 32.80 10.74 43.51
C LYS B 50 32.55 9.38 42.89
N ASN B 51 32.69 9.24 41.57
CA ASN B 51 32.50 7.96 40.87
C ASN B 51 33.73 7.66 40.03
N PRO B 52 34.86 7.32 40.66
CA PRO B 52 36.06 7.00 39.88
C PRO B 52 35.94 5.73 39.09
N ASP B 53 35.09 4.81 39.50
CA ASP B 53 34.86 3.56 38.76
C ASP B 53 33.86 3.73 37.63
N TYR B 54 33.34 4.94 37.42
CA TYR B 54 32.41 5.24 36.34
C TYR B 54 33.10 6.09 35.28
N SER B 55 32.49 6.11 34.10
CA SER B 55 32.91 6.99 33.00
C SER B 55 31.85 8.07 32.85
N THR B 56 32.15 9.27 33.30
CA THR B 56 31.22 10.39 33.23
C THR B 56 31.46 11.16 31.93
N THR B 57 30.41 11.30 31.13
CA THR B 57 30.48 12.03 29.88
C THR B 57 29.40 13.09 29.84
N ILE B 58 29.65 14.14 29.07
CA ILE B 58 28.68 15.21 28.82
C ILE B 58 28.41 15.24 27.33
N ILE B 59 27.16 14.98 26.95
CA ILE B 59 26.80 14.80 25.55
C ILE B 59 26.35 16.13 24.97
N TYR B 60 26.91 16.48 23.81
CA TYR B 60 26.47 17.63 23.03
C TYR B 60 26.07 17.18 21.63
N ASP B 61 25.50 18.11 20.87
CA ASP B 61 25.01 17.83 19.53
C ASP B 61 25.67 18.79 18.55
N SER B 62 26.47 18.24 17.63
CA SER B 62 27.08 19.06 16.60
C SER B 62 26.11 19.49 15.52
N GLY B 63 24.92 18.90 15.46
CA GLY B 63 23.90 19.30 14.51
C GLY B 63 23.17 20.58 14.86
N ILE B 64 23.55 21.23 15.95
CA ILE B 64 22.98 22.52 16.35
C ILE B 64 23.93 23.62 15.93
N SER B 65 23.41 24.60 15.20
CA SER B 65 24.22 25.74 14.79
C SER B 65 24.65 26.55 16.00
N GLY B 66 25.91 26.96 16.02
CA GLY B 66 26.47 27.67 17.15
C GLY B 66 26.90 26.79 18.30
N TYR B 67 27.02 25.47 18.08
CA TYR B 67 27.41 24.58 19.16
C TYR B 67 28.88 24.67 19.50
N GLU B 68 29.71 25.19 18.59
CA GLU B 68 31.16 25.14 18.79
C GLU B 68 31.59 25.99 19.98
N ALA B 69 31.03 27.18 20.12
CA ALA B 69 31.43 28.07 21.22
C ALA B 69 31.11 27.44 22.57
N ALA B 70 29.95 26.80 22.69
CA ALA B 70 29.56 26.18 23.95
C ALA B 70 30.40 24.93 24.23
N ARG B 71 30.75 24.18 23.18
CA ARG B 71 31.56 22.98 23.37
C ARG B 71 32.99 23.34 23.77
N ASN B 72 33.59 24.33 23.10
CA ASN B 72 34.94 24.74 23.45
C ASN B 72 35.02 25.25 24.89
N PHE B 73 33.99 25.96 25.33
CA PHE B 73 33.96 26.44 26.71
C PHE B 73 33.94 25.28 27.70
N MET B 74 33.16 24.23 27.40
CA MET B 74 33.14 23.06 28.27
C MET B 74 34.49 22.36 28.28
N SER B 75 35.07 22.14 27.09
CA SER B 75 36.34 21.44 26.99
C SER B 75 37.45 22.18 27.73
N GLU B 76 37.39 23.52 27.75
CA GLU B 76 38.38 24.29 28.47
C GLU B 76 38.18 24.18 29.98
N LYS B 77 36.96 23.92 30.44
CA LYS B 77 36.71 23.80 31.86
C LYS B 77 36.97 22.39 32.38
N PHE B 78 36.71 21.36 31.58
CA PHE B 78 36.93 19.98 31.98
C PHE B 78 38.25 19.41 31.46
N LYS B 79 39.18 20.28 31.06
CA LYS B 79 40.42 19.80 30.45
C LYS B 79 41.26 19.00 31.43
N ALA B 80 41.21 19.33 32.72
CA ALA B 80 41.98 18.62 33.72
C ALA B 80 41.08 17.80 34.64
N SER B 81 40.25 16.94 34.06
CA SER B 81 39.31 16.16 34.84
C SER B 81 39.01 14.85 34.11
N LYS B 82 38.29 13.97 34.81
CA LYS B 82 37.86 12.69 34.27
C LYS B 82 36.55 12.80 33.48
N ILE B 83 36.14 14.01 33.11
CA ILE B 83 34.94 14.24 32.31
C ILE B 83 35.33 14.41 30.86
N THR B 84 34.74 13.62 29.97
CA THR B 84 34.99 13.69 28.55
C THR B 84 33.72 14.12 27.82
N LEU B 85 33.88 14.97 26.81
CA LEU B 85 32.77 15.41 26.00
C LEU B 85 32.59 14.46 24.82
N VAL B 86 31.33 14.10 24.56
CA VAL B 86 31.00 13.16 23.51
C VAL B 86 29.89 13.75 22.65
N ASP B 87 30.15 13.92 21.36
CA ASP B 87 29.14 14.37 20.43
C ASP B 87 28.19 13.22 20.12
N ILE B 88 26.88 13.48 20.22
CA ILE B 88 25.89 12.44 19.97
C ILE B 88 25.99 11.94 18.53
N ARG B 89 26.40 12.80 17.60
CA ARG B 89 26.56 12.39 16.21
C ARG B 89 27.73 11.44 16.02
N ASN B 90 28.64 11.36 16.99
CA ASN B 90 29.80 10.49 16.92
C ASN B 90 29.59 9.14 17.62
N LYS B 91 28.43 8.93 18.24
CA LYS B 91 28.15 7.64 18.84
C LYS B 91 28.19 6.54 17.79
N GLY B 92 28.71 5.37 18.19
CA GLY B 92 28.79 4.26 17.25
C GLY B 92 27.43 3.80 16.75
N TYR B 93 26.39 3.97 17.57
CA TYR B 93 25.04 3.57 17.23
C TYR B 93 24.21 4.71 16.63
N PHE B 94 24.86 5.79 16.20
CA PHE B 94 24.10 6.96 15.74
C PHE B 94 23.30 6.64 14.49
N HIS B 95 23.86 5.85 13.57
CA HIS B 95 23.12 5.49 12.36
C HIS B 95 21.84 4.74 12.70
N GLN B 96 21.80 4.08 13.85
CA GLN B 96 20.56 3.47 14.32
C GLN B 96 19.63 4.48 14.99
N LEU B 97 20.20 5.53 15.58
CA LEU B 97 19.38 6.58 16.16
C LEU B 97 18.57 7.30 15.08
N GLN B 98 19.21 7.60 13.94
CA GLN B 98 18.51 8.25 12.84
C GLN B 98 17.28 7.49 12.38
N GLN B 99 17.24 6.18 12.60
CA GLN B 99 16.10 5.37 12.23
C GLN B 99 15.08 5.22 13.35
N GLU B 100 15.35 5.81 14.51
CA GLU B 100 14.38 5.80 15.60
C GLU B 100 13.28 6.81 15.31
N PRO B 101 12.01 6.45 15.48
CA PRO B 101 10.94 7.42 15.23
C PRO B 101 10.96 8.60 16.18
N SER B 102 11.54 8.43 17.37
CA SER B 102 11.63 9.53 18.32
C SER B 102 12.71 10.53 17.91
N PHE B 103 13.72 10.08 17.17
CA PHE B 103 14.80 10.99 16.78
C PHE B 103 14.35 12.00 15.74
N THR B 104 13.37 11.65 14.92
CA THR B 104 12.79 12.62 13.99
C THR B 104 12.27 13.84 14.75
N TYR B 105 11.50 13.61 15.81
CA TYR B 105 10.99 14.71 16.62
C TYR B 105 12.12 15.40 17.38
N TYR B 106 13.15 14.66 17.78
CA TYR B 106 14.30 15.28 18.41
C TYR B 106 14.94 16.30 17.47
N GLU B 107 15.12 15.94 16.19
CA GLU B 107 15.66 16.87 15.22
C GLU B 107 14.75 18.09 15.07
N GLU B 108 13.43 17.88 15.11
CA GLU B 108 12.49 18.98 14.98
C GLU B 108 12.57 19.92 16.19
N VAL B 109 12.77 19.35 17.38
CA VAL B 109 12.74 20.15 18.60
C VAL B 109 14.02 21.00 18.70
N ILE B 110 15.17 20.43 18.33
CA ILE B 110 16.41 21.21 18.41
C ILE B 110 16.43 22.31 17.36
N ARG B 111 15.72 22.12 16.24
CA ARG B 111 15.61 23.20 15.27
C ARG B 111 14.82 24.37 15.84
N ASN B 112 13.80 24.09 16.65
CA ASN B 112 13.01 25.12 17.31
C ASN B 112 13.67 25.64 18.58
N LYS B 113 14.92 25.27 18.84
CA LYS B 113 15.71 25.80 19.96
C LYS B 113 15.09 25.43 21.32
N LYS B 114 14.35 24.33 21.38
CA LYS B 114 13.76 23.85 22.63
C LYS B 114 14.66 22.75 23.21
N PHE B 115 15.83 23.17 23.68
CA PHE B 115 16.88 22.21 24.01
C PHE B 115 16.53 21.39 25.25
N ALA B 116 15.89 22.01 26.24
CA ALA B 116 15.48 21.26 27.43
C ALA B 116 14.49 20.17 27.08
N GLN B 117 13.53 20.48 26.21
CA GLN B 117 12.55 19.48 25.77
C GLN B 117 13.20 18.40 24.92
N ALA B 118 14.20 18.77 24.11
CA ALA B 118 14.92 17.78 23.34
C ALA B 118 15.75 16.86 24.23
N SER B 119 16.21 17.36 25.37
CA SER B 119 17.01 16.54 26.28
C SER B 119 16.19 15.39 26.85
N ASP B 120 14.88 15.58 26.99
CA ASP B 120 14.04 14.50 27.49
C ASP B 120 14.03 13.30 26.54
N ILE B 121 14.13 13.55 25.24
CA ILE B 121 14.18 12.45 24.28
C ILE B 121 15.57 11.82 24.27
N LEU B 122 16.61 12.65 24.21
CA LEU B 122 17.96 12.13 23.98
C LEU B 122 18.44 11.28 25.15
N ARG B 123 18.06 11.65 26.38
CA ARG B 123 18.50 10.88 27.54
C ARG B 123 17.95 9.45 27.49
N LEU B 124 16.73 9.28 26.99
CA LEU B 124 16.16 7.94 26.86
C LEU B 124 16.84 7.17 25.74
N LEU B 125 17.12 7.83 24.62
CA LEU B 125 17.80 7.16 23.50
C LEU B 125 19.19 6.67 23.91
N VAL B 126 19.92 7.48 24.68
CA VAL B 126 21.25 7.06 25.12
C VAL B 126 21.15 5.88 26.07
N LEU B 127 20.18 5.91 27.00
CA LEU B 127 20.01 4.81 27.92
C LEU B 127 19.59 3.52 27.21
N LYS B 128 18.79 3.65 26.14
CA LYS B 128 18.36 2.46 25.41
C LYS B 128 19.54 1.74 24.77
N TYR B 129 20.48 2.49 24.21
CA TYR B 129 21.56 1.91 23.44
C TYR B 129 22.83 1.64 24.24
N GLU B 130 22.95 2.20 25.45
CA GLU B 130 24.17 2.00 26.23
C GLU B 130 23.88 1.46 27.61
N GLY B 131 22.74 1.84 28.18
CA GLY B 131 22.49 1.54 29.57
C GLY B 131 23.31 2.47 30.46
N GLY B 132 23.25 2.18 31.76
CA GLY B 132 23.96 3.01 32.71
C GLY B 132 23.06 3.98 33.44
N ILE B 133 23.62 5.11 33.87
CA ILE B 133 22.90 6.09 34.67
C ILE B 133 22.87 7.41 33.91
N TYR B 134 21.67 7.92 33.65
CA TYR B 134 21.55 9.30 33.21
C TYR B 134 21.38 10.20 34.42
N LYS B 135 21.90 11.43 34.29
CA LYS B 135 21.83 12.41 35.36
C LYS B 135 22.02 13.79 34.78
N ASP B 136 21.10 14.70 35.08
CA ASP B 136 21.26 16.09 34.66
C ASP B 136 22.43 16.72 35.38
N ILE B 137 23.03 17.73 34.75
CA ILE B 137 24.22 18.36 35.32
C ILE B 137 23.87 19.23 36.54
N ASP B 138 22.60 19.61 36.69
CA ASP B 138 22.19 20.37 37.87
C ASP B 138 21.89 19.47 39.07
N ASP B 139 21.81 18.16 38.86
CA ASP B 139 21.59 17.25 39.98
C ASP B 139 22.85 17.11 40.81
N ILE B 140 22.69 17.11 42.13
CA ILE B 140 23.81 17.10 43.06
C ILE B 140 24.15 15.67 43.43
N GLN B 141 25.44 15.32 43.33
CA GLN B 141 25.92 14.00 43.65
C GLN B 141 26.27 13.95 45.13
N ILE B 142 25.45 13.23 45.91
CA ILE B 142 25.68 13.17 47.35
C ILE B 142 26.78 12.16 47.68
N LYS B 143 26.71 10.96 47.10
CA LYS B 143 27.75 9.97 47.29
C LYS B 143 27.86 9.12 46.03
N GLY B 144 28.94 8.35 45.95
CA GLY B 144 29.21 7.56 44.77
C GLY B 144 28.19 6.45 44.58
N PHE B 145 27.91 6.14 43.31
CA PHE B 145 26.96 5.09 43.01
C PHE B 145 27.50 3.71 43.38
N GLY B 146 28.78 3.47 43.12
CA GLY B 146 29.33 2.15 43.34
C GLY B 146 28.73 1.14 42.36
N SER B 147 28.66 -0.11 42.81
CA SER B 147 28.08 -1.18 41.99
C SER B 147 26.58 -1.23 42.27
N LEU B 148 25.80 -0.73 41.32
CA LEU B 148 24.35 -0.67 41.46
C LEU B 148 23.67 -1.83 40.74
N ALA B 149 22.57 -2.29 41.31
CA ALA B 149 21.74 -3.32 40.70
C ALA B 149 20.32 -3.15 41.22
N PHE B 150 19.36 -3.11 40.30
CA PHE B 150 17.98 -2.82 40.66
C PHE B 150 17.05 -3.92 40.16
N PRO B 151 15.95 -4.16 40.87
CA PRO B 151 14.92 -5.05 40.35
C PRO B 151 14.36 -4.51 39.04
N LYS B 152 14.05 -5.43 38.12
CA LYS B 152 13.59 -5.11 36.77
C LYS B 152 14.57 -4.26 35.98
N GLY B 153 15.80 -4.11 36.48
CA GLY B 153 16.83 -3.38 35.76
C GLY B 153 16.60 -1.89 35.64
N ILE B 154 15.82 -1.29 36.53
CA ILE B 154 15.52 0.13 36.45
C ILE B 154 15.62 0.76 37.84
N GLY B 155 16.24 1.93 37.91
CA GLY B 155 16.35 2.65 39.17
C GLY B 155 16.00 4.12 38.96
N VAL B 156 15.24 4.66 39.91
CA VAL B 156 14.69 6.01 39.80
C VAL B 156 14.79 6.70 41.16
N MET B 157 14.37 7.96 41.18
CA MET B 157 14.23 8.72 42.42
C MET B 157 12.82 8.55 42.97
N ARG B 158 12.63 8.99 44.20
N ARG B 158 12.63 8.99 44.21
CA ARG B 158 11.29 9.04 44.77
CA ARG B 158 11.29 9.05 44.77
C ARG B 158 10.42 10.01 43.97
C ARG B 158 10.43 9.99 43.94
N GLU B 159 9.16 9.66 43.82
CA GLU B 159 8.23 10.51 43.08
C GLU B 159 7.96 11.79 43.86
N TYR B 160 7.75 12.88 43.14
CA TYR B 160 7.34 14.14 43.70
C TYR B 160 5.92 14.46 43.27
N VAL B 161 5.33 15.46 43.91
CA VAL B 161 3.97 15.89 43.61
C VAL B 161 4.04 17.28 43.01
N PRO B 162 3.63 17.48 41.76
CA PRO B 162 3.45 18.84 41.25
C PRO B 162 2.52 19.63 42.16
N GLU B 163 2.88 20.89 42.41
CA GLU B 163 2.16 21.70 43.39
C GLU B 163 0.69 21.89 43.02
N ALA B 164 0.32 21.67 41.77
CA ALA B 164 -1.07 21.84 41.34
C ALA B 164 -1.58 20.63 40.56
N GLY B 165 -0.92 19.49 40.68
CA GLY B 165 -1.32 18.28 39.98
C GLY B 165 -2.11 17.32 40.85
N LYS B 166 -2.74 16.36 40.19
CA LYS B 166 -3.50 15.32 40.87
C LYS B 166 -2.71 14.02 41.04
N SER B 167 -1.72 13.77 40.20
CA SER B 167 -0.93 12.55 40.25
C SER B 167 0.53 12.88 40.52
N ALA B 168 1.20 11.96 41.22
CA ALA B 168 2.62 12.09 41.44
C ALA B 168 3.40 11.82 40.14
N ALA B 169 4.70 12.10 40.18
CA ALA B 169 5.53 11.88 39.01
C ALA B 169 6.95 11.56 39.45
N PHE B 170 7.57 10.60 38.77
CA PHE B 170 8.99 10.33 38.98
C PHE B 170 9.83 11.26 38.12
N PRO B 171 10.90 11.84 38.66
CA PRO B 171 11.80 12.65 37.83
C PRO B 171 12.46 11.80 36.75
N ASN B 172 12.66 12.40 35.58
CA ASN B 172 13.36 11.72 34.50
C ASN B 172 14.88 11.92 34.58
N SER B 173 15.37 12.34 35.75
CA SER B 173 16.80 12.40 36.03
C SER B 173 16.97 12.48 37.54
N PRO B 174 17.85 11.66 38.14
CA PRO B 174 18.61 10.62 37.43
C PRO B 174 17.79 9.35 37.15
N ILE B 175 18.28 8.56 36.19
CA ILE B 175 17.67 7.28 35.84
C ILE B 175 18.78 6.25 35.68
N ALA B 176 18.64 5.11 36.34
CA ALA B 176 19.53 3.97 36.16
C ALA B 176 18.78 2.89 35.41
N ALA B 177 19.43 2.30 34.40
CA ALA B 177 18.75 1.33 33.55
C ALA B 177 19.76 0.38 32.93
N THR B 178 19.38 -0.89 32.84
CA THR B 178 20.11 -1.82 32.00
C THR B 178 19.90 -1.46 30.53
N LYS B 179 20.82 -1.93 29.68
CA LYS B 179 20.74 -1.64 28.26
C LYS B 179 19.44 -2.18 27.68
N ASN B 180 18.79 -1.35 26.85
CA ASN B 180 17.54 -1.72 26.18
C ASN B 180 16.48 -2.14 27.20
N ASN B 181 16.28 -1.30 28.20
CA ASN B 181 15.33 -1.62 29.27
C ASN B 181 13.90 -1.34 28.81
N PRO B 182 12.95 -2.21 29.14
CA PRO B 182 11.57 -2.00 28.67
C PRO B 182 10.93 -0.73 29.18
N VAL B 183 11.28 -0.27 30.38
CA VAL B 183 10.72 0.97 30.89
C VAL B 183 11.17 2.15 30.04
N VAL B 184 12.45 2.15 29.63
CA VAL B 184 12.96 3.20 28.76
C VAL B 184 12.33 3.10 27.38
N ASN B 185 12.15 1.88 26.88
CA ASN B 185 11.56 1.69 25.56
C ASN B 185 10.10 2.09 25.54
N LYS B 186 9.35 1.77 26.60
CA LYS B 186 7.94 2.18 26.66
C LYS B 186 7.81 3.69 26.76
N THR B 187 8.74 4.35 27.46
CA THR B 187 8.72 5.80 27.53
C THR B 187 8.94 6.42 26.15
N LEU B 188 9.81 5.81 25.34
CA LEU B 188 10.04 6.31 23.99
C LEU B 188 8.83 6.05 23.09
N GLU B 189 8.18 4.89 23.24
CA GLU B 189 6.98 4.61 22.48
C GLU B 189 5.87 5.61 22.82
N LEU B 190 5.65 5.84 24.12
CA LEU B 190 4.64 6.81 24.53
C LEU B 190 4.99 8.21 24.06
N ALA B 191 6.28 8.56 24.07
CA ALA B 191 6.71 9.88 23.62
C ALA B 191 6.42 10.07 22.13
N VAL B 192 6.65 9.03 21.33
CA VAL B 192 6.35 9.12 19.90
C VAL B 192 4.86 9.27 19.67
N GLU B 193 4.05 8.52 20.42
CA GLU B 193 2.60 8.68 20.34
C GLU B 193 2.18 10.11 20.67
N ASN B 194 2.85 10.74 21.64
CA ASN B 194 2.46 12.09 22.06
C ASN B 194 2.87 13.13 21.02
N TYR B 195 4.02 12.95 20.38
CA TYR B 195 4.41 13.87 19.31
C TYR B 195 3.56 13.67 18.06
N ARG B 196 3.16 12.43 17.77
CA ARG B 196 2.26 12.20 16.65
C ARG B 196 0.90 12.82 16.88
N HIS B 197 0.39 12.76 18.12
CA HIS B 197 -0.91 13.32 18.46
C HIS B 197 -0.87 14.82 18.73
N GLY B 198 0.22 15.49 18.37
CA GLY B 198 0.28 16.94 18.47
C GLY B 198 0.21 17.48 19.89
N GLU B 199 0.75 16.75 20.86
CA GLU B 199 0.75 17.24 22.23
C GLU B 199 1.58 18.51 22.36
N LYS B 200 0.99 19.54 22.96
CA LYS B 200 1.66 20.81 23.16
C LYS B 200 2.02 21.07 24.62
N ASN B 201 1.73 20.12 25.52
CA ASN B 201 2.16 20.22 26.91
C ASN B 201 3.50 19.52 27.05
N VAL B 202 4.52 20.25 27.48
CA VAL B 202 5.88 19.72 27.52
C VAL B 202 5.98 18.55 28.48
N LEU B 203 5.25 18.59 29.59
CA LEU B 203 5.30 17.49 30.55
C LEU B 203 4.61 16.24 30.03
N LYS B 204 3.71 16.37 29.06
CA LYS B 204 3.03 15.23 28.46
C LYS B 204 3.70 14.76 27.17
N LEU B 205 4.87 15.30 26.83
CA LEU B 205 5.58 14.89 25.62
C LEU B 205 6.54 13.73 25.93
N ALA B 206 7.64 14.04 26.63
CA ALA B 206 8.60 13.02 27.03
C ALA B 206 9.11 13.24 28.45
N GLY B 207 8.42 14.04 29.24
CA GLY B 207 8.91 14.43 30.55
C GLY B 207 8.57 13.45 31.64
N PRO B 208 8.56 13.93 32.89
CA PRO B 208 8.33 13.04 34.04
C PRO B 208 6.97 12.35 34.02
N ASP B 209 5.94 12.99 33.45
CA ASP B 209 4.63 12.37 33.40
C ASP B 209 4.61 11.18 32.44
N VAL B 210 5.32 11.28 31.31
CA VAL B 210 5.40 10.17 30.37
C VAL B 210 6.26 9.06 30.94
N PHE B 211 7.39 9.42 31.56
CA PHE B 211 8.25 8.42 32.19
C PHE B 211 7.50 7.67 33.28
N THR B 212 6.72 8.39 34.09
CA THR B 212 5.92 7.75 35.13
C THR B 212 4.87 6.81 34.54
N LYS B 213 4.20 7.26 33.47
CA LYS B 213 3.17 6.43 32.84
C LYS B 213 3.75 5.14 32.28
N ALA B 214 4.92 5.23 31.64
CA ALA B 214 5.58 4.03 31.15
C ALA B 214 6.06 3.15 32.30
N LEU B 215 6.46 3.77 33.42
CA LEU B 215 6.90 2.99 34.57
C LEU B 215 5.75 2.19 35.18
N TYR B 216 4.53 2.72 35.13
CA TYR B 216 3.39 2.00 35.68
C TYR B 216 2.98 0.84 34.79
N GLN B 217 3.06 1.03 33.47
CA GLN B 217 2.63 -0.04 32.56
C GLN B 217 3.55 -1.26 32.68
N GLU B 218 4.86 -1.03 32.85
CA GLU B 218 5.79 -2.14 33.00
C GLU B 218 5.75 -2.73 34.41
N ILE B 219 5.74 -1.87 35.42
CA ILE B 219 5.75 -2.30 36.82
C ILE B 219 4.58 -1.64 37.54
N PRO B 220 3.37 -2.22 37.47
CA PRO B 220 2.21 -1.55 38.08
C PRO B 220 2.36 -1.26 39.56
N GLY B 221 3.16 -2.06 40.28
CA GLY B 221 3.35 -1.84 41.70
C GLY B 221 4.12 -0.58 42.05
N MET B 222 4.71 0.10 41.06
CA MET B 222 5.39 1.36 41.34
C MET B 222 4.40 2.47 41.70
N CYS B 223 3.14 2.33 41.32
CA CYS B 223 2.12 3.26 41.78
C CYS B 223 1.78 2.96 43.23
N SER B 224 1.83 3.99 44.08
CA SER B 224 1.63 3.80 45.51
C SER B 224 0.24 3.24 45.80
N GLN B 225 -0.78 3.68 45.04
CA GLN B 225 -2.11 3.12 45.20
C GLN B 225 -2.13 1.62 44.91
N VAL B 226 -1.40 1.21 43.88
CA VAL B 226 -1.41 -0.20 43.49
C VAL B 226 -0.72 -1.06 44.53
N LEU B 227 0.46 -0.63 44.99
CA LEU B 227 1.12 -1.34 46.09
C LEU B 227 0.29 -1.29 47.36
N GLY B 228 -0.44 -0.19 47.57
CA GLY B 228 -1.28 -0.09 48.74
C GLY B 228 -2.38 -1.13 48.77
N THR B 229 -3.10 -1.29 47.65
CA THR B 229 -4.15 -2.30 47.59
C THR B 229 -3.58 -3.71 47.66
N GLN B 230 -2.36 -3.91 47.18
CA GLN B 230 -1.72 -5.23 47.32
C GLN B 230 -1.47 -5.56 48.79
N LEU B 231 -1.10 -4.56 49.59
CA LEU B 231 -0.94 -4.79 51.02
C LEU B 231 -2.30 -5.04 51.68
N GLU B 232 -3.34 -4.32 51.24
CA GLU B 232 -4.68 -4.57 51.76
C GLU B 232 -5.15 -5.97 51.41
N GLN B 233 -4.77 -6.47 50.22
CA GLN B 233 -5.17 -7.81 49.83
C GLN B 233 -4.41 -8.87 50.63
N PHE B 234 -3.14 -8.61 50.94
CA PHE B 234 -2.40 -9.52 51.81
C PHE B 234 -2.95 -9.47 53.24
N GLU B 235 -3.52 -8.34 53.65
CA GLU B 235 -4.19 -8.25 54.95
C GLU B 235 -5.40 -9.18 55.00
N LEU B 236 -6.22 -9.15 53.95
CA LEU B 236 -7.40 -10.02 53.92
C LEU B 236 -7.02 -11.48 53.79
N ALA B 237 -5.98 -11.77 52.99
CA ALA B 237 -5.53 -13.15 52.84
C ALA B 237 -5.02 -13.71 54.16
N LYS B 238 -4.27 -12.92 54.92
CA LYS B 238 -3.82 -13.36 56.23
C LYS B 238 -4.98 -13.58 57.18
N ARG B 239 -5.99 -12.69 57.12
CA ARG B 239 -7.19 -12.89 57.93
C ARG B 239 -7.94 -14.15 57.54
N GLN B 240 -7.87 -14.52 56.26
CA GLN B 240 -8.52 -15.77 55.84
C GLN B 240 -7.71 -16.99 56.28
N ALA B 241 -6.38 -16.90 56.19
CA ALA B 241 -5.54 -17.98 56.67
C ALA B 241 -5.63 -18.16 58.18
N LEU B 242 -6.00 -17.10 58.91
CA LEU B 242 -6.16 -17.16 60.35
C LEU B 242 -7.61 -17.34 60.78
N LYS B 243 -8.54 -17.47 59.83
CA LYS B 243 -9.97 -17.55 60.12
C LYS B 243 -10.44 -16.37 60.95
N MET B 244 -9.97 -15.18 60.60
CA MET B 244 -10.37 -13.92 61.20
C MET B 244 -11.43 -13.25 60.33
N PRO B 245 -12.14 -12.26 60.84
CA PRO B 245 -13.18 -11.59 60.05
C PRO B 245 -12.63 -11.06 58.73
N LEU B 246 -13.44 -11.19 57.67
CA LEU B 246 -13.09 -10.69 56.34
C LEU B 246 -13.54 -9.23 56.24
N GLU B 247 -12.71 -8.35 56.78
CA GLU B 247 -13.00 -6.93 56.76
C GLU B 247 -11.70 -6.15 56.73
N LYS B 248 -11.80 -4.89 56.33
CA LYS B 248 -10.64 -4.00 56.37
C LYS B 248 -10.47 -3.49 57.80
N PRO B 249 -9.27 -3.54 58.36
CA PRO B 249 -9.07 -3.07 59.74
C PRO B 249 -9.40 -1.59 59.88
N LYS B 250 -10.05 -1.27 61.01
CA LYS B 250 -10.42 0.12 61.29
C LYS B 250 -9.18 0.98 61.49
N SER B 251 -8.42 0.71 62.53
CA SER B 251 -7.22 1.46 62.87
C SER B 251 -5.99 0.58 62.66
N PHE B 252 -4.82 1.15 62.94
CA PHE B 252 -3.57 0.43 62.76
C PHE B 252 -3.47 -0.77 63.70
N ILE B 253 -4.00 -0.62 64.92
CA ILE B 253 -3.90 -1.68 65.93
C ILE B 253 -4.66 -2.94 65.50
N ASP B 254 -5.55 -2.83 64.52
CA ASP B 254 -6.32 -3.97 64.04
C ASP B 254 -5.68 -4.65 62.83
N GLU B 255 -4.64 -4.08 62.26
CA GLU B 255 -3.99 -4.66 61.10
C GLU B 255 -3.24 -5.93 61.51
N GLN B 256 -3.56 -7.05 60.85
CA GLN B 256 -2.89 -8.31 61.15
C GLN B 256 -1.57 -8.43 60.41
N LEU B 257 -1.43 -7.77 59.27
CA LEU B 257 -0.18 -7.79 58.52
C LEU B 257 0.88 -6.99 59.26
N THR B 258 1.98 -7.63 59.62
CA THR B 258 3.02 -6.97 60.40
C THR B 258 3.82 -6.01 59.52
N LEU B 259 4.53 -5.10 60.18
CA LEU B 259 5.39 -4.16 59.47
C LEU B 259 6.49 -4.89 58.72
N GLN B 260 6.98 -6.00 59.26
CA GLN B 260 7.98 -6.79 58.56
C GLN B 260 7.40 -7.42 57.29
N GLU B 261 6.15 -7.91 57.37
CA GLU B 261 5.49 -8.46 56.20
C GLU B 261 5.23 -7.39 55.15
N LYS B 262 4.83 -6.19 55.58
CA LYS B 262 4.65 -5.09 54.65
C LYS B 262 5.98 -4.72 53.99
N ALA B 263 7.06 -4.71 54.78
CA ALA B 263 8.36 -4.35 54.22
C ALA B 263 8.83 -5.35 53.18
N LYS B 264 8.49 -6.64 53.37
CA LYS B 264 8.88 -7.65 52.39
C LYS B 264 8.13 -7.46 51.08
N ILE B 265 6.80 -7.33 51.15
CA ILE B 265 6.01 -7.13 49.93
C ILE B 265 6.45 -5.85 49.21
N SER B 266 6.84 -4.83 49.97
CA SER B 266 7.23 -3.55 49.39
C SER B 266 8.70 -3.51 48.95
N ARG B 267 9.49 -4.54 49.28
CA ARG B 267 10.93 -4.44 49.12
C ARG B 267 11.38 -4.21 47.68
N PRO B 268 10.88 -4.92 46.66
CA PRO B 268 11.32 -4.63 45.29
C PRO B 268 10.98 -3.23 44.83
N TYR B 269 9.89 -2.63 45.34
CA TYR B 269 9.50 -1.30 44.88
C TYR B 269 10.25 -0.20 45.61
N LYS B 270 10.70 -0.45 46.85
CA LYS B 270 11.58 0.50 47.51
C LYS B 270 12.97 0.49 46.87
N ALA B 271 13.42 -0.69 46.42
CA ALA B 271 14.76 -0.80 45.85
C ALA B 271 14.86 -0.05 44.52
N ILE B 272 13.79 -0.08 43.72
CA ILE B 272 13.78 0.67 42.46
C ILE B 272 13.96 2.15 42.71
N ARG B 273 13.50 2.65 43.85
CA ARG B 273 13.67 4.06 44.21
C ARG B 273 15.00 4.29 44.91
N GLY B 274 15.98 3.42 44.66
CA GLY B 274 17.26 3.46 45.36
C GLY B 274 18.15 4.64 45.06
N LEU B 275 17.92 5.34 43.94
CA LEU B 275 18.81 6.43 43.58
C LEU B 275 18.65 7.65 44.49
N SER B 276 17.61 7.68 45.31
CA SER B 276 17.34 8.87 46.13
C SER B 276 18.43 9.10 47.17
N GLU B 277 19.10 8.04 47.62
CA GLU B 277 20.17 8.17 48.59
C GLU B 277 21.52 8.46 47.94
N TYR B 278 21.57 8.59 46.62
CA TYR B 278 22.80 8.92 45.91
C TYR B 278 22.80 10.31 45.29
N VAL B 279 21.64 10.78 44.83
CA VAL B 279 21.55 12.04 44.10
C VAL B 279 20.47 12.92 44.71
N CYS B 280 20.70 14.23 44.68
CA CYS B 280 19.69 15.23 45.02
C CYS B 280 19.34 16.01 43.75
N ASN B 281 18.03 16.14 43.49
CA ASN B 281 17.59 16.77 42.26
C ASN B 281 17.91 18.26 42.27
N GLY B 282 18.28 18.78 41.09
CA GLY B 282 18.51 20.19 40.93
C GLY B 282 17.23 20.94 40.62
N ALA B 283 17.37 22.25 40.37
CA ALA B 283 16.20 23.08 40.10
C ALA B 283 16.48 24.13 39.04
N ASP B 284 17.43 23.90 38.14
CA ASP B 284 17.71 24.85 37.08
C ASP B 284 16.53 25.00 36.12
N HIS B 285 15.77 23.92 35.93
CA HIS B 285 14.65 23.93 34.99
C HIS B 285 13.50 24.80 35.51
N SER C 2 27.16 17.03 -5.03
CA SER C 2 26.26 15.95 -4.63
C SER C 2 24.82 16.44 -4.53
N MET C 3 24.62 17.56 -3.82
CA MET C 3 23.28 18.12 -3.70
C MET C 3 22.89 18.90 -4.95
N GLN C 4 23.87 19.44 -5.68
CA GLN C 4 23.58 20.12 -6.94
C GLN C 4 23.24 19.14 -8.04
N TYR C 5 23.81 17.93 -7.99
CA TYR C 5 23.47 16.91 -8.98
C TYR C 5 22.01 16.49 -8.86
N PHE C 6 21.50 16.39 -7.64
CA PHE C 6 20.10 16.04 -7.44
C PHE C 6 19.19 17.12 -8.03
N ALA C 7 19.50 18.39 -7.76
CA ALA C 7 18.74 19.48 -8.37
C ALA C 7 18.86 19.48 -9.88
N GLN C 8 19.95 18.91 -10.41
CA GLN C 8 20.12 18.84 -11.86
C GLN C 8 19.21 17.78 -12.48
N ILE C 9 19.10 16.61 -11.84
CA ILE C 9 18.31 15.53 -12.42
C ILE C 9 16.81 15.73 -12.20
N VAL C 10 16.41 16.49 -11.17
CA VAL C 10 14.99 16.79 -11.01
C VAL C 10 14.55 17.89 -11.99
N ASN C 11 15.48 18.72 -12.45
CA ASN C 11 15.16 19.73 -13.44
C ASN C 11 15.06 19.15 -14.85
N ARG C 12 15.89 18.15 -15.16
CA ARG C 12 15.80 17.51 -16.47
C ARG C 12 14.50 16.74 -16.62
N GLU C 13 13.91 16.28 -15.50
CA GLU C 13 12.64 15.58 -15.58
C GLU C 13 11.51 16.52 -15.96
N GLU C 14 11.54 17.75 -15.47
CA GLU C 14 10.51 18.73 -15.80
C GLU C 14 10.53 19.06 -17.28
N ASN C 15 11.72 19.26 -17.85
CA ASN C 15 11.89 19.56 -19.27
C ASN C 15 12.27 18.33 -20.07
N LYS C 16 11.79 17.16 -19.67
CA LYS C 16 12.20 15.90 -20.31
C LYS C 16 11.79 15.88 -21.77
N TRP C 17 10.49 16.03 -22.04
CA TRP C 17 9.99 15.98 -23.40
C TRP C 17 9.46 17.34 -23.81
N PRO C 18 10.00 17.96 -24.87
CA PRO C 18 9.47 19.26 -25.30
C PRO C 18 8.07 19.12 -25.89
N SER C 19 7.28 20.17 -25.73
CA SER C 19 5.90 20.15 -26.19
C SER C 19 5.86 20.21 -27.72
N GLU C 20 5.06 19.33 -28.31
CA GLU C 20 4.90 19.26 -29.76
C GLU C 20 3.56 19.84 -30.17
N PRO C 21 3.54 20.70 -31.18
CA PRO C 21 2.28 21.38 -31.55
C PRO C 21 1.25 20.40 -32.09
N ILE C 22 -0.01 20.81 -31.98
CA ILE C 22 -1.15 20.02 -32.44
C ILE C 22 -1.79 20.74 -33.61
N ASN C 23 -2.01 20.02 -34.71
CA ASN C 23 -2.71 20.59 -35.85
C ASN C 23 -4.10 21.04 -35.42
N LYS C 24 -4.54 22.17 -35.98
CA LYS C 24 -5.80 22.79 -35.57
C LYS C 24 -6.97 22.19 -36.34
N TYR C 25 -7.16 20.89 -36.13
CA TYR C 25 -8.29 20.15 -36.68
C TYR C 25 -9.07 19.52 -35.54
N ILE C 26 -10.39 19.64 -35.58
CA ILE C 26 -11.27 18.96 -34.62
C ILE C 26 -12.08 17.93 -35.40
N HIS C 27 -11.80 16.66 -35.18
CA HIS C 27 -12.49 15.56 -35.85
C HIS C 27 -13.56 15.00 -34.93
N MET C 28 -14.78 14.86 -35.46
CA MET C 28 -15.88 14.25 -34.75
C MET C 28 -16.55 13.25 -35.68
N ILE C 29 -17.05 12.16 -35.11
CA ILE C 29 -17.54 11.02 -35.87
C ILE C 29 -19.01 10.80 -35.57
N TRP C 30 -19.83 10.73 -36.62
CA TRP C 30 -21.23 10.31 -36.52
C TRP C 30 -21.53 9.46 -37.75
N ILE C 31 -21.35 8.15 -37.62
CA ILE C 31 -21.62 7.22 -38.70
C ILE C 31 -22.91 6.46 -38.37
N GLY C 32 -23.54 5.94 -39.41
CA GLY C 32 -24.75 5.16 -39.25
C GLY C 32 -25.96 5.78 -39.92
N PRO C 33 -27.05 5.01 -40.03
CA PRO C 33 -28.27 5.54 -40.63
C PRO C 33 -29.14 6.35 -39.69
N LYS C 34 -28.84 6.35 -38.40
CA LYS C 34 -29.65 7.08 -37.43
C LYS C 34 -29.25 8.55 -37.40
N ASN C 35 -30.24 9.42 -37.29
CA ASN C 35 -29.97 10.85 -37.29
C ASN C 35 -29.28 11.28 -36.01
N ILE C 36 -28.64 12.44 -36.08
CA ILE C 36 -27.94 13.01 -34.94
C ILE C 36 -28.95 13.70 -34.03
N SER C 37 -28.77 13.53 -32.71
CA SER C 37 -29.71 14.09 -31.76
C SER C 37 -29.62 15.62 -31.72
N ASP C 38 -30.71 16.23 -31.27
CA ASP C 38 -30.75 17.70 -31.18
C ASP C 38 -29.73 18.23 -30.18
N LYS C 39 -29.47 17.48 -29.10
CA LYS C 39 -28.47 17.91 -28.13
C LYS C 39 -27.09 17.93 -28.74
N ASN C 40 -26.73 16.88 -29.47
CA ASN C 40 -25.41 16.81 -30.09
C ASN C 40 -25.24 17.82 -31.22
N ILE C 41 -26.33 18.29 -31.82
CA ILE C 41 -26.21 19.36 -32.80
C ILE C 41 -25.82 20.66 -32.11
N ARG C 42 -26.45 20.97 -30.98
CA ARG C 42 -26.09 22.17 -30.22
C ARG C 42 -24.65 22.07 -29.70
N LEU C 43 -24.26 20.90 -29.22
CA LEU C 43 -22.90 20.71 -28.72
C LEU C 43 -21.88 20.82 -29.86
N SER C 44 -22.25 20.43 -31.08
CA SER C 44 -21.34 20.56 -32.20
C SER C 44 -21.19 22.02 -32.63
N LEU C 45 -22.30 22.77 -32.64
CA LEU C 45 -22.22 24.19 -32.94
C LEU C 45 -21.37 24.92 -31.90
N GLN C 46 -21.58 24.61 -30.62
CA GLN C 46 -20.80 25.24 -29.56
C GLN C 46 -19.33 24.86 -29.65
N THR C 47 -19.03 23.67 -30.15
CA THR C 47 -17.64 23.24 -30.28
C THR C 47 -16.88 24.10 -31.29
N ALA C 48 -17.52 24.42 -32.41
CA ALA C 48 -16.86 25.23 -33.43
C ALA C 48 -16.95 26.72 -33.11
N GLN C 49 -18.01 27.15 -32.42
CA GLN C 49 -18.11 28.55 -32.03
C GLN C 49 -17.01 28.93 -31.04
N LYS C 50 -16.53 27.98 -30.25
CA LYS C 50 -15.46 28.23 -29.29
C LYS C 50 -14.07 28.07 -29.90
N ASN C 51 -13.96 27.50 -31.10
CA ASN C 51 -12.69 27.31 -31.78
C ASN C 51 -12.78 27.83 -33.20
N PRO C 52 -12.81 29.16 -33.38
CA PRO C 52 -12.84 29.71 -34.75
C PRO C 52 -11.54 29.51 -35.50
N ASP C 53 -10.44 29.24 -34.80
CA ASP C 53 -9.16 28.96 -35.44
C ASP C 53 -8.97 27.48 -35.77
N TYR C 54 -9.94 26.65 -35.42
CA TYR C 54 -9.90 25.22 -35.73
C TYR C 54 -10.89 24.91 -36.86
N SER C 55 -10.58 23.86 -37.62
CA SER C 55 -11.47 23.35 -38.65
C SER C 55 -12.21 22.15 -38.05
N THR C 56 -13.47 22.36 -37.70
CA THR C 56 -14.30 21.35 -37.06
C THR C 56 -15.12 20.63 -38.12
N THR C 57 -15.01 19.30 -38.17
CA THR C 57 -15.71 18.49 -39.14
C THR C 57 -16.40 17.31 -38.45
N ILE C 58 -17.47 16.83 -39.06
CA ILE C 58 -18.16 15.63 -38.61
C ILE C 58 -17.99 14.57 -39.70
N ILE C 59 -17.46 13.41 -39.32
CA ILE C 59 -17.08 12.37 -40.26
C ILE C 59 -18.20 11.34 -40.34
N TYR C 60 -18.64 11.04 -41.56
CA TYR C 60 -19.60 9.98 -41.82
C TYR C 60 -19.04 9.03 -42.86
N ASP C 61 -19.70 7.90 -43.04
CA ASP C 61 -19.24 6.84 -43.94
C ASP C 61 -20.32 6.58 -44.98
N SER C 62 -19.97 6.75 -46.25
CA SER C 62 -20.89 6.45 -47.34
C SER C 62 -20.95 4.97 -47.68
N GLY C 63 -20.14 4.15 -47.02
CA GLY C 63 -20.16 2.72 -47.19
C GLY C 63 -21.08 1.98 -46.24
N ILE C 64 -21.93 2.69 -45.51
CA ILE C 64 -22.90 2.10 -44.60
C ILE C 64 -24.27 2.17 -45.24
N SER C 65 -24.97 1.04 -45.29
CA SER C 65 -26.27 0.98 -45.96
C SER C 65 -27.28 1.89 -45.26
N GLY C 66 -27.89 2.78 -46.03
CA GLY C 66 -28.87 3.70 -45.49
C GLY C 66 -28.30 4.97 -44.90
N TYR C 67 -27.05 5.31 -45.21
CA TYR C 67 -26.43 6.51 -44.66
C TYR C 67 -27.01 7.80 -45.25
N GLU C 68 -27.83 7.70 -46.29
CA GLU C 68 -28.28 8.89 -47.01
C GLU C 68 -29.14 9.79 -46.13
N ALA C 69 -30.11 9.19 -45.42
CA ALA C 69 -31.01 9.99 -44.58
C ALA C 69 -30.24 10.71 -43.47
N ALA C 70 -29.33 10.00 -42.81
CA ALA C 70 -28.57 10.63 -41.73
C ALA C 70 -27.59 11.67 -42.27
N ARG C 71 -27.09 11.48 -43.49
CA ARG C 71 -26.19 12.46 -44.08
C ARG C 71 -26.95 13.73 -44.47
N ASN C 72 -28.08 13.58 -45.13
CA ASN C 72 -28.86 14.74 -45.57
C ASN C 72 -29.41 15.52 -44.38
N PHE C 73 -29.69 14.84 -43.27
CA PHE C 73 -30.22 15.53 -42.09
C PHE C 73 -29.16 16.42 -41.45
N MET C 74 -27.90 15.97 -41.43
CA MET C 74 -26.84 16.75 -40.80
C MET C 74 -26.54 18.01 -41.59
N SER C 75 -26.30 17.88 -42.90
CA SER C 75 -25.90 19.01 -43.72
C SER C 75 -26.97 20.10 -43.75
N GLU C 76 -28.23 19.73 -43.58
CA GLU C 76 -29.30 20.72 -43.49
C GLU C 76 -29.22 21.49 -42.18
N LYS C 77 -28.85 20.81 -41.10
CA LYS C 77 -28.70 21.49 -39.80
C LYS C 77 -27.44 22.34 -39.75
N PHE C 78 -26.36 21.89 -40.39
CA PHE C 78 -25.07 22.57 -40.35
C PHE C 78 -24.80 23.39 -41.61
N LYS C 79 -25.84 23.87 -42.29
CA LYS C 79 -25.63 24.58 -43.55
C LYS C 79 -25.04 25.96 -43.30
N ALA C 80 -25.63 26.73 -42.40
CA ALA C 80 -25.16 28.08 -42.08
C ALA C 80 -24.30 28.09 -40.82
N SER C 81 -23.34 27.17 -40.74
CA SER C 81 -22.48 27.05 -39.57
C SER C 81 -21.06 26.76 -40.03
N LYS C 82 -20.16 26.66 -39.06
CA LYS C 82 -18.76 26.35 -39.32
C LYS C 82 -18.44 24.86 -39.16
N ILE C 83 -19.47 24.02 -39.08
CA ILE C 83 -19.31 22.57 -39.10
C ILE C 83 -19.60 22.07 -40.50
N THR C 84 -18.66 21.31 -41.06
CA THR C 84 -18.82 20.69 -42.36
C THR C 84 -18.74 19.18 -42.23
N LEU C 85 -19.45 18.48 -43.12
CA LEU C 85 -19.44 17.03 -43.16
C LEU C 85 -18.34 16.55 -44.09
N VAL C 86 -17.67 15.46 -43.70
CA VAL C 86 -16.61 14.87 -44.50
C VAL C 86 -16.85 13.37 -44.58
N ASP C 87 -16.85 12.84 -45.80
CA ASP C 87 -17.00 11.40 -46.02
C ASP C 87 -15.62 10.75 -45.93
N ILE C 88 -15.49 9.76 -45.04
CA ILE C 88 -14.21 9.10 -44.85
C ILE C 88 -13.76 8.39 -46.12
N ARG C 89 -14.72 7.95 -46.95
CA ARG C 89 -14.38 7.38 -48.24
C ARG C 89 -13.80 8.41 -49.19
N ASN C 90 -14.06 9.70 -48.96
CA ASN C 90 -13.59 10.76 -49.83
C ASN C 90 -12.36 11.48 -49.28
N LYS C 91 -11.78 10.99 -48.19
CA LYS C 91 -10.52 11.52 -47.72
C LYS C 91 -9.43 11.34 -48.77
N GLY C 92 -8.51 12.29 -48.83
CA GLY C 92 -7.42 12.21 -49.80
C GLY C 92 -6.49 11.03 -49.56
N TYR C 93 -6.48 10.48 -48.35
CA TYR C 93 -5.61 9.37 -47.99
C TYR C 93 -6.37 8.05 -47.85
N PHE C 94 -7.61 7.98 -48.34
CA PHE C 94 -8.40 6.77 -48.18
C PHE C 94 -7.84 5.61 -49.00
N HIS C 95 -7.11 5.90 -50.08
CA HIS C 95 -6.56 4.84 -50.91
C HIS C 95 -5.61 3.95 -50.12
N GLN C 96 -4.85 4.55 -49.18
CA GLN C 96 -3.98 3.78 -48.30
C GLN C 96 -4.59 3.51 -46.94
N LEU C 97 -5.68 4.20 -46.59
CA LEU C 97 -6.36 3.93 -45.33
C LEU C 97 -7.06 2.58 -45.35
N GLN C 98 -7.60 2.18 -46.50
CA GLN C 98 -8.28 0.90 -46.62
C GLN C 98 -7.32 -0.29 -46.65
N GLN C 99 -6.02 -0.05 -46.78
CA GLN C 99 -5.03 -1.12 -46.70
C GLN C 99 -4.48 -1.32 -45.29
N GLU C 100 -4.91 -0.50 -44.34
CA GLU C 100 -4.51 -0.71 -42.95
C GLU C 100 -5.09 -2.03 -42.43
N PRO C 101 -4.32 -2.80 -41.67
CA PRO C 101 -4.86 -4.05 -41.11
C PRO C 101 -6.02 -3.82 -40.16
N SER C 102 -6.13 -2.62 -39.57
CA SER C 102 -7.25 -2.32 -38.69
C SER C 102 -8.51 -1.98 -39.46
N PHE C 103 -8.38 -1.43 -40.67
CA PHE C 103 -9.54 -1.07 -41.46
C PHE C 103 -10.30 -2.29 -41.96
N THR C 104 -9.64 -3.45 -42.06
CA THR C 104 -10.34 -4.67 -42.43
C THR C 104 -11.42 -5.02 -41.42
N TYR C 105 -11.12 -4.86 -40.13
CA TYR C 105 -12.10 -5.14 -39.09
C TYR C 105 -13.10 -4.00 -38.95
N TYR C 106 -12.73 -2.78 -39.33
CA TYR C 106 -13.68 -1.68 -39.35
C TYR C 106 -14.85 -2.00 -40.28
N GLU C 107 -14.54 -2.53 -41.47
CA GLU C 107 -15.60 -2.89 -42.41
C GLU C 107 -16.51 -3.97 -41.85
N GLU C 108 -15.94 -4.90 -41.08
CA GLU C 108 -16.76 -5.94 -40.47
C GLU C 108 -17.69 -5.35 -39.41
N VAL C 109 -17.20 -4.38 -38.64
CA VAL C 109 -17.98 -3.88 -37.50
C VAL C 109 -19.15 -3.03 -37.96
N ILE C 110 -18.94 -2.19 -38.98
CA ILE C 110 -20.06 -1.41 -39.51
C ILE C 110 -21.04 -2.33 -40.24
N ARG C 111 -20.56 -3.46 -40.75
CA ARG C 111 -21.45 -4.43 -41.39
C ARG C 111 -22.43 -5.02 -40.37
N ASN C 112 -21.98 -5.23 -39.14
CA ASN C 112 -22.82 -5.73 -38.07
C ASN C 112 -23.54 -4.63 -37.32
N LYS C 113 -23.51 -3.40 -37.85
CA LYS C 113 -24.26 -2.26 -37.29
C LYS C 113 -23.81 -1.91 -35.87
N LYS C 114 -22.52 -2.10 -35.57
CA LYS C 114 -21.94 -1.69 -34.30
C LYS C 114 -21.11 -0.43 -34.51
N PHE C 115 -21.82 0.68 -34.70
CA PHE C 115 -21.16 1.91 -35.14
C PHE C 115 -20.34 2.56 -34.03
N ALA C 116 -20.75 2.40 -32.77
CA ALA C 116 -19.93 2.91 -31.67
C ALA C 116 -18.61 2.16 -31.58
N GLN C 117 -18.64 0.84 -31.80
CA GLN C 117 -17.42 0.05 -31.76
C GLN C 117 -16.51 0.37 -32.94
N ALA C 118 -17.10 0.63 -34.11
CA ALA C 118 -16.28 0.97 -35.29
C ALA C 118 -15.72 2.39 -35.19
N SER C 119 -16.37 3.26 -34.42
CA SER C 119 -15.84 4.61 -34.24
C SER C 119 -14.54 4.60 -33.45
N ASP C 120 -14.34 3.60 -32.59
CA ASP C 120 -13.09 3.50 -31.85
C ASP C 120 -11.90 3.34 -32.78
N ILE C 121 -12.07 2.56 -33.85
CA ILE C 121 -11.00 2.38 -34.82
C ILE C 121 -10.82 3.63 -35.67
N LEU C 122 -11.94 4.19 -36.14
CA LEU C 122 -11.86 5.28 -37.13
C LEU C 122 -11.20 6.52 -36.55
N ARG C 123 -11.46 6.82 -35.27
CA ARG C 123 -10.87 8.00 -34.65
C ARG C 123 -9.35 7.90 -34.58
N LEU C 124 -8.82 6.68 -34.44
CA LEU C 124 -7.37 6.49 -34.41
C LEU C 124 -6.77 6.61 -35.80
N LEU C 125 -7.45 6.04 -36.81
CA LEU C 125 -6.96 6.16 -38.17
C LEU C 125 -6.98 7.60 -38.66
N VAL C 126 -8.01 8.36 -38.27
CA VAL C 126 -8.07 9.77 -38.63
C VAL C 126 -6.95 10.55 -37.95
N LEU C 127 -6.69 10.25 -36.67
CA LEU C 127 -5.61 10.92 -35.96
C LEU C 127 -4.24 10.54 -36.52
N LYS C 128 -4.10 9.31 -37.02
CA LYS C 128 -2.82 8.89 -37.59
C LYS C 128 -2.47 9.68 -38.83
N TYR C 129 -3.43 9.86 -39.74
CA TYR C 129 -3.16 10.47 -41.03
C TYR C 129 -3.30 11.98 -41.04
N GLU C 130 -3.96 12.57 -40.05
CA GLU C 130 -4.14 14.01 -40.01
C GLU C 130 -3.63 14.66 -38.73
N GLY C 131 -3.61 13.95 -37.62
CA GLY C 131 -3.31 14.58 -36.36
C GLY C 131 -4.45 15.49 -35.93
N GLY C 132 -4.16 16.30 -34.93
CA GLY C 132 -5.16 17.22 -34.42
C GLY C 132 -5.86 16.72 -33.19
N ILE C 133 -7.14 17.04 -33.06
CA ILE C 133 -7.92 16.71 -31.86
C ILE C 133 -9.17 15.96 -32.31
N TYR C 134 -9.31 14.72 -31.86
CA TYR C 134 -10.59 14.03 -31.97
C TYR C 134 -11.44 14.34 -30.74
N LYS C 135 -12.73 14.52 -30.96
CA LYS C 135 -13.67 14.79 -29.89
C LYS C 135 -15.00 14.12 -30.22
N ASP C 136 -15.56 13.42 -29.23
CA ASP C 136 -16.85 12.78 -29.44
C ASP C 136 -17.96 13.81 -29.58
N ILE C 137 -19.02 13.42 -30.29
CA ILE C 137 -20.10 14.34 -30.60
C ILE C 137 -20.89 14.75 -29.36
N ASP C 138 -20.77 13.98 -28.27
CA ASP C 138 -21.48 14.28 -27.04
C ASP C 138 -20.62 15.00 -26.02
N ASP C 139 -19.32 15.12 -26.25
CA ASP C 139 -18.45 15.85 -25.34
C ASP C 139 -18.78 17.34 -25.38
N ILE C 140 -18.66 17.99 -24.22
CA ILE C 140 -19.05 19.38 -24.05
C ILE C 140 -17.80 20.25 -24.14
N GLN C 141 -17.83 21.23 -25.04
CA GLN C 141 -16.73 22.16 -25.23
C GLN C 141 -16.87 23.30 -24.24
N ILE C 142 -15.96 23.37 -23.27
CA ILE C 142 -16.01 24.38 -22.23
C ILE C 142 -15.24 25.62 -22.67
N LYS C 143 -13.97 25.44 -22.99
CA LYS C 143 -13.12 26.52 -23.48
C LYS C 143 -12.58 26.17 -24.86
N GLY C 144 -12.18 27.21 -25.60
CA GLY C 144 -11.48 27.00 -26.84
C GLY C 144 -10.11 26.38 -26.61
N PHE C 145 -9.70 25.53 -27.56
CA PHE C 145 -8.41 24.87 -27.41
C PHE C 145 -7.26 25.85 -27.56
N GLY C 146 -7.31 26.71 -28.57
CA GLY C 146 -6.18 27.57 -28.84
C GLY C 146 -5.01 26.78 -29.38
N SER C 147 -3.82 27.39 -29.26
CA SER C 147 -2.59 26.74 -29.70
C SER C 147 -2.16 25.74 -28.65
N LEU C 148 -2.43 24.46 -28.91
CA LEU C 148 -2.12 23.40 -27.96
C LEU C 148 -0.78 22.74 -28.31
N ALA C 149 -0.05 22.34 -27.27
CA ALA C 149 1.20 21.62 -27.43
C ALA C 149 1.39 20.73 -26.21
N PHE C 150 1.67 19.45 -26.46
CA PHE C 150 1.79 18.46 -25.40
C PHE C 150 3.15 17.77 -25.46
N PRO C 151 3.66 17.33 -24.31
CA PRO C 151 4.87 16.50 -24.33
C PRO C 151 4.63 15.21 -25.11
N LYS C 152 5.59 14.87 -25.96
CA LYS C 152 5.52 13.71 -26.85
C LYS C 152 4.30 13.73 -27.76
N GLY C 153 3.72 14.91 -27.96
CA GLY C 153 2.65 15.09 -28.94
C GLY C 153 1.40 14.27 -28.69
N ILE C 154 0.97 14.16 -27.43
CA ILE C 154 -0.25 13.44 -27.09
C ILE C 154 -0.94 14.14 -25.93
N GLY C 155 -2.23 14.42 -26.10
CA GLY C 155 -3.02 15.03 -25.04
C GLY C 155 -4.28 14.22 -24.76
N VAL C 156 -4.57 13.97 -23.49
CA VAL C 156 -5.67 13.10 -23.08
C VAL C 156 -6.44 13.74 -21.94
N MET C 157 -7.57 13.13 -21.60
CA MET C 157 -8.33 13.49 -20.43
C MET C 157 -7.80 12.77 -19.20
N ARG C 158 -8.21 13.25 -18.03
CA ARG C 158 -7.91 12.51 -16.80
C ARG C 158 -8.60 11.15 -16.83
N GLU C 159 -7.89 10.13 -16.38
CA GLU C 159 -8.43 8.78 -16.39
C GLU C 159 -9.58 8.65 -15.40
N TYR C 160 -10.53 7.78 -15.75
CA TYR C 160 -11.66 7.46 -14.89
C TYR C 160 -11.50 6.03 -14.37
N VAL C 161 -12.36 5.68 -13.42
CA VAL C 161 -12.36 4.36 -12.80
C VAL C 161 -13.70 3.70 -13.07
N PRO C 162 -13.75 2.59 -13.79
CA PRO C 162 -15.01 1.85 -13.93
C PRO C 162 -15.52 1.40 -12.57
N GLU C 163 -16.84 1.23 -12.47
CA GLU C 163 -17.47 0.97 -11.19
C GLU C 163 -16.97 -0.32 -10.56
N ALA C 164 -16.55 -1.29 -11.37
CA ALA C 164 -16.08 -2.58 -10.86
C ALA C 164 -14.76 -3.01 -11.47
N GLY C 165 -14.05 -2.12 -12.16
CA GLY C 165 -12.78 -2.47 -12.74
C GLY C 165 -11.67 -2.53 -11.72
N LYS C 166 -10.56 -3.16 -12.12
CA LYS C 166 -9.39 -3.27 -11.25
C LYS C 166 -8.37 -2.15 -11.51
N SER C 167 -8.37 -1.56 -12.70
CA SER C 167 -7.45 -0.49 -13.03
C SER C 167 -8.20 0.64 -13.72
N ALA C 168 -7.59 1.83 -13.71
CA ALA C 168 -8.19 2.99 -14.33
C ALA C 168 -8.03 2.92 -15.85
N ALA C 169 -8.60 3.91 -16.55
CA ALA C 169 -8.52 3.96 -18.00
C ALA C 169 -8.69 5.40 -18.46
N PHE C 170 -7.86 5.81 -19.41
CA PHE C 170 -8.03 7.13 -20.01
C PHE C 170 -9.14 7.08 -21.05
N PRO C 171 -10.02 8.08 -21.09
CA PRO C 171 -11.02 8.14 -22.16
C PRO C 171 -10.36 8.27 -23.52
N ASN C 172 -11.01 7.70 -24.52
CA ASN C 172 -10.52 7.81 -25.90
C ASN C 172 -11.16 8.97 -26.65
N SER C 173 -11.73 9.94 -25.92
CA SER C 173 -12.27 11.17 -26.49
C SER C 173 -12.48 12.18 -25.36
N PRO C 174 -11.93 13.39 -25.47
CA PRO C 174 -11.10 13.84 -26.60
C PRO C 174 -9.66 13.34 -26.55
N ILE C 175 -9.04 13.24 -27.73
CA ILE C 175 -7.63 12.90 -27.85
C ILE C 175 -6.96 13.96 -28.73
N ALA C 176 -5.85 14.51 -28.25
CA ALA C 176 -5.00 15.37 -29.04
C ALA C 176 -3.73 14.60 -29.39
N ALA C 177 -3.38 14.58 -30.67
CA ALA C 177 -2.25 13.78 -31.13
C ALA C 177 -1.62 14.42 -32.36
N THR C 178 -0.30 14.40 -32.41
CA THR C 178 0.41 14.80 -33.62
C THR C 178 0.19 13.76 -34.72
N LYS C 179 0.46 14.19 -35.96
CA LYS C 179 0.29 13.29 -37.09
C LYS C 179 1.25 12.11 -36.98
N ASN C 180 0.71 10.91 -37.18
CA ASN C 180 1.48 9.66 -37.07
C ASN C 180 2.16 9.55 -35.71
N ASN C 181 1.34 9.64 -34.66
CA ASN C 181 1.80 9.61 -33.28
C ASN C 181 1.96 8.16 -32.80
N PRO C 182 3.04 7.88 -32.06
CA PRO C 182 3.28 6.49 -31.63
C PRO C 182 2.23 5.93 -30.71
N VAL C 183 1.59 6.76 -29.88
CA VAL C 183 0.54 6.25 -28.99
C VAL C 183 -0.68 5.82 -29.80
N VAL C 184 -1.05 6.61 -30.81
CA VAL C 184 -2.17 6.24 -31.67
C VAL C 184 -1.83 4.98 -32.47
N ASN C 185 -0.59 4.88 -32.96
CA ASN C 185 -0.20 3.70 -33.72
C ASN C 185 -0.17 2.46 -32.85
N LYS C 186 0.34 2.56 -31.63
CA LYS C 186 0.36 1.41 -30.73
C LYS C 186 -1.06 0.97 -30.38
N THR C 187 -2.00 1.90 -30.30
CA THR C 187 -3.39 1.53 -30.03
C THR C 187 -3.97 0.74 -31.20
N LEU C 188 -3.63 1.12 -32.43
CA LEU C 188 -4.12 0.39 -33.59
C LEU C 188 -3.50 -1.00 -33.67
N GLU C 189 -2.22 -1.13 -33.33
CA GLU C 189 -1.57 -2.43 -33.33
C GLU C 189 -2.22 -3.37 -32.32
N LEU C 190 -2.50 -2.88 -31.12
CA LEU C 190 -3.16 -3.69 -30.11
C LEU C 190 -4.58 -4.06 -30.52
N ALA C 191 -5.29 -3.12 -31.14
CA ALA C 191 -6.66 -3.39 -31.58
C ALA C 191 -6.70 -4.48 -32.64
N VAL C 192 -5.71 -4.49 -33.53
CA VAL C 192 -5.64 -5.53 -34.55
C VAL C 192 -5.47 -6.90 -33.92
N GLU C 193 -4.59 -6.99 -32.92
CA GLU C 193 -4.38 -8.27 -32.24
C GLU C 193 -5.65 -8.74 -31.55
N ASN C 194 -6.40 -7.82 -30.93
CA ASN C 194 -7.63 -8.20 -30.24
C ASN C 194 -8.67 -8.74 -31.21
N TYR C 195 -8.75 -8.16 -32.41
CA TYR C 195 -9.70 -8.66 -33.40
C TYR C 195 -9.22 -9.97 -34.02
N ARG C 196 -7.91 -10.11 -34.22
CA ARG C 196 -7.39 -11.35 -34.77
C ARG C 196 -7.65 -12.53 -33.84
N HIS C 197 -7.63 -12.32 -32.54
CA HIS C 197 -7.91 -13.36 -31.56
C HIS C 197 -9.39 -13.51 -31.27
N GLY C 198 -10.25 -12.80 -32.00
CA GLY C 198 -11.69 -12.93 -31.81
C GLY C 198 -12.18 -12.52 -30.44
N GLU C 199 -11.70 -11.39 -29.93
CA GLU C 199 -12.11 -10.92 -28.62
C GLU C 199 -13.57 -10.50 -28.65
N LYS C 200 -14.35 -10.99 -27.67
CA LYS C 200 -15.75 -10.65 -27.56
C LYS C 200 -16.04 -9.64 -26.47
N ASN C 201 -15.08 -9.36 -25.59
CA ASN C 201 -15.21 -8.28 -24.62
C ASN C 201 -15.03 -6.95 -25.33
N VAL C 202 -16.09 -6.13 -25.33
CA VAL C 202 -16.04 -4.84 -26.02
C VAL C 202 -15.02 -3.91 -25.37
N LEU C 203 -14.64 -4.16 -24.12
CA LEU C 203 -13.67 -3.31 -23.45
C LEU C 203 -12.25 -3.58 -23.94
N LYS C 204 -11.97 -4.80 -24.38
CA LYS C 204 -10.63 -5.17 -24.85
C LYS C 204 -10.57 -5.25 -26.37
N LEU C 205 -11.10 -4.24 -27.06
CA LEU C 205 -11.05 -4.21 -28.52
C LEU C 205 -10.25 -3.01 -29.01
N ALA C 206 -10.88 -1.83 -29.01
CA ALA C 206 -10.18 -0.60 -29.38
C ALA C 206 -10.60 0.58 -28.51
N GLY C 207 -11.22 0.32 -27.36
CA GLY C 207 -11.77 1.37 -26.53
C GLY C 207 -10.77 1.95 -25.55
N PRO C 208 -11.26 2.53 -24.46
CA PRO C 208 -10.37 3.21 -23.51
C PRO C 208 -9.33 2.29 -22.87
N ASP C 209 -9.70 1.04 -22.59
CA ASP C 209 -8.75 0.11 -21.98
C ASP C 209 -7.58 -0.20 -22.91
N VAL C 210 -7.84 -0.25 -24.21
CA VAL C 210 -6.76 -0.51 -25.17
C VAL C 210 -5.93 0.74 -25.40
N PHE C 211 -6.59 1.90 -25.46
CA PHE C 211 -5.86 3.16 -25.58
C PHE C 211 -4.97 3.40 -24.36
N THR C 212 -5.44 3.00 -23.18
CA THR C 212 -4.64 3.17 -21.97
C THR C 212 -3.43 2.25 -21.98
N LYS C 213 -3.61 0.99 -22.39
CA LYS C 213 -2.47 0.06 -22.46
C LYS C 213 -1.43 0.56 -23.44
N ALA C 214 -1.86 1.12 -24.57
CA ALA C 214 -0.92 1.67 -25.54
C ALA C 214 -0.24 2.91 -24.98
N LEU C 215 -0.96 3.72 -24.20
CA LEU C 215 -0.37 4.90 -23.59
C LEU C 215 0.68 4.51 -22.55
N TYR C 216 0.44 3.43 -21.80
CA TYR C 216 1.41 3.01 -20.79
C TYR C 216 2.67 2.44 -21.44
N GLN C 217 2.53 1.72 -22.56
CA GLN C 217 3.70 1.17 -23.22
C GLN C 217 4.60 2.25 -23.79
N GLU C 218 4.00 3.28 -24.40
CA GLU C 218 4.80 4.38 -24.94
C GLU C 218 5.34 5.27 -23.82
N ILE C 219 4.48 5.63 -22.87
CA ILE C 219 4.89 6.48 -21.76
C ILE C 219 4.57 5.76 -20.46
N PRO C 220 5.52 5.01 -19.89
CA PRO C 220 5.23 4.29 -18.63
C PRO C 220 4.86 5.18 -17.47
N GLY C 221 5.28 6.45 -17.48
CA GLY C 221 4.98 7.34 -16.38
C GLY C 221 3.54 7.80 -16.29
N MET C 222 2.74 7.57 -17.33
CA MET C 222 1.33 7.93 -17.27
C MET C 222 0.55 7.06 -16.30
N CYS C 223 1.04 5.87 -16.00
CA CYS C 223 0.45 5.05 -14.94
C CYS C 223 0.75 5.70 -13.60
N SER C 224 -0.31 6.01 -12.85
CA SER C 224 -0.14 6.74 -11.59
C SER C 224 0.75 5.98 -10.61
N GLN C 225 0.70 4.64 -10.64
CA GLN C 225 1.58 3.86 -9.78
C GLN C 225 3.03 4.02 -10.19
N VAL C 226 3.29 4.12 -11.49
CA VAL C 226 4.67 4.20 -11.97
C VAL C 226 5.27 5.57 -11.62
N LEU C 227 4.50 6.65 -11.84
CA LEU C 227 4.97 7.96 -11.41
C LEU C 227 5.13 8.02 -9.89
N GLY C 228 4.29 7.29 -9.16
CA GLY C 228 4.43 7.23 -7.71
C GLY C 228 5.74 6.60 -7.29
N THR C 229 6.07 5.45 -7.87
CA THR C 229 7.35 4.81 -7.60
C THR C 229 8.50 5.67 -8.09
N GLN C 230 8.27 6.45 -9.15
CA GLN C 230 9.30 7.38 -9.63
C GLN C 230 9.57 8.47 -8.59
N LEU C 231 8.50 8.99 -7.95
CA LEU C 231 8.69 9.96 -6.88
C LEU C 231 9.35 9.32 -5.67
N GLU C 232 9.06 8.04 -5.40
CA GLU C 232 9.73 7.35 -4.30
C GLU C 232 11.21 7.17 -4.58
N GLN C 233 11.60 7.03 -5.86
CA GLN C 233 13.02 6.90 -6.18
C GLN C 233 13.75 8.21 -5.97
N PHE C 234 13.16 9.33 -6.40
CA PHE C 234 13.76 10.63 -6.16
C PHE C 234 13.80 10.97 -4.68
N GLU C 235 12.81 10.52 -3.92
CA GLU C 235 12.85 10.67 -2.47
C GLU C 235 14.08 9.99 -1.89
N LEU C 236 14.40 8.80 -2.38
CA LEU C 236 15.56 8.08 -1.86
C LEU C 236 16.86 8.71 -2.31
N ALA C 237 16.90 9.18 -3.56
CA ALA C 237 18.12 9.82 -4.06
C ALA C 237 18.45 11.08 -3.27
N LYS C 238 17.42 11.84 -2.89
CA LYS C 238 17.66 13.01 -2.04
C LYS C 238 18.14 12.59 -0.67
N ARG C 239 17.60 11.50 -0.13
CA ARG C 239 18.06 11.00 1.16
C ARG C 239 19.49 10.49 1.07
N GLN C 240 19.89 9.97 -0.09
CA GLN C 240 21.27 9.53 -0.28
C GLN C 240 22.21 10.72 -0.42
N ALA C 241 21.76 11.78 -1.07
CA ALA C 241 22.58 12.98 -1.21
C ALA C 241 22.67 13.76 0.09
N LEU C 242 21.68 13.62 0.97
CA LEU C 242 21.69 14.28 2.28
C LEU C 242 22.32 13.42 3.37
N LYS C 243 22.82 12.23 3.02
CA LYS C 243 23.36 11.28 4.00
C LYS C 243 22.34 10.98 5.10
N MET C 244 21.12 10.66 4.67
CA MET C 244 20.01 10.28 5.52
C MET C 244 19.73 8.80 5.40
N PRO C 245 18.94 8.22 6.31
CA PRO C 245 18.55 6.82 6.17
C PRO C 245 17.88 6.55 4.82
N LEU C 246 18.20 5.39 4.25
CA LEU C 246 17.65 4.98 2.96
C LEU C 246 16.36 4.19 3.19
N GLU C 247 15.36 4.89 3.71
CA GLU C 247 14.07 4.30 4.02
C GLU C 247 12.96 5.17 3.46
N LYS C 248 11.86 4.52 3.07
CA LYS C 248 10.69 5.27 2.66
C LYS C 248 10.11 6.03 3.85
N PRO C 249 9.75 7.30 3.68
CA PRO C 249 9.25 8.08 4.81
C PRO C 249 7.98 7.49 5.40
N LYS C 250 7.91 7.47 6.73
CA LYS C 250 6.75 6.93 7.42
C LYS C 250 5.57 7.89 7.33
N SER C 251 5.80 9.16 7.57
CA SER C 251 4.77 10.19 7.53
C SER C 251 5.23 11.35 6.66
N PHE C 252 4.32 12.30 6.43
CA PHE C 252 4.61 13.40 5.52
C PHE C 252 5.74 14.29 6.02
N ILE C 253 5.92 14.38 7.34
CA ILE C 253 6.99 15.21 7.87
C ILE C 253 8.35 14.62 7.52
N ASP C 254 8.44 13.29 7.39
CA ASP C 254 9.70 12.64 7.06
C ASP C 254 10.05 12.72 5.58
N GLU C 255 9.14 13.19 4.73
CA GLU C 255 9.42 13.28 3.30
C GLU C 255 10.39 14.42 3.03
N GLN C 256 11.44 14.12 2.28
CA GLN C 256 12.45 15.12 1.93
C GLN C 256 12.12 15.84 0.63
N LEU C 257 11.46 15.17 -0.31
CA LEU C 257 11.05 15.83 -1.54
C LEU C 257 10.05 16.93 -1.25
N THR C 258 10.35 18.14 -1.71
CA THR C 258 9.44 19.26 -1.56
C THR C 258 8.29 19.16 -2.55
N LEU C 259 7.26 19.95 -2.31
CA LEU C 259 6.08 19.92 -3.19
C LEU C 259 6.41 20.41 -4.59
N GLN C 260 7.36 21.34 -4.72
CA GLN C 260 7.73 21.83 -6.04
C GLN C 260 8.71 20.88 -6.73
N GLU C 261 9.52 20.14 -5.97
CA GLU C 261 10.33 19.09 -6.58
C GLU C 261 9.45 17.97 -7.12
N LYS C 262 8.39 17.62 -6.39
CA LYS C 262 7.42 16.66 -6.92
C LYS C 262 6.71 17.21 -8.13
N ALA C 263 6.41 18.51 -8.13
CA ALA C 263 5.72 19.12 -9.25
C ALA C 263 6.59 19.14 -10.51
N LYS C 264 7.91 19.25 -10.34
CA LYS C 264 8.80 19.19 -11.50
C LYS C 264 8.82 17.80 -12.10
N ILE C 265 8.90 16.76 -11.26
CA ILE C 265 8.93 15.39 -11.76
C ILE C 265 7.61 15.04 -12.43
N SER C 266 6.50 15.56 -11.91
CA SER C 266 5.18 15.23 -12.42
C SER C 266 4.74 16.12 -13.57
N ARG C 267 5.50 17.17 -13.89
CA ARG C 267 5.05 18.16 -14.86
C ARG C 267 4.76 17.57 -16.24
N PRO C 268 5.62 16.75 -16.85
CA PRO C 268 5.27 16.21 -18.18
C PRO C 268 4.01 15.36 -18.16
N TYR C 269 3.77 14.63 -17.07
CA TYR C 269 2.61 13.75 -16.98
C TYR C 269 1.34 14.50 -16.62
N LYS C 270 1.46 15.65 -15.96
CA LYS C 270 0.29 16.51 -15.76
C LYS C 270 -0.09 17.21 -17.06
N ALA C 271 0.90 17.62 -17.85
CA ALA C 271 0.61 18.34 -19.09
C ALA C 271 -0.09 17.45 -20.10
N ILE C 272 0.23 16.16 -20.12
CA ILE C 272 -0.40 15.26 -21.09
C ILE C 272 -1.89 15.11 -20.79
N ARG C 273 -2.27 15.17 -19.51
CA ARG C 273 -3.66 15.20 -19.09
C ARG C 273 -4.27 16.60 -19.19
N GLY C 274 -3.82 17.42 -20.15
CA GLY C 274 -4.22 18.81 -20.18
C GLY C 274 -5.56 19.07 -20.83
N LEU C 275 -6.14 18.09 -21.53
CA LEU C 275 -7.41 18.29 -22.22
C LEU C 275 -8.60 18.34 -21.26
N SER C 276 -8.40 18.16 -19.96
CA SER C 276 -9.51 18.09 -19.03
C SER C 276 -10.12 19.46 -18.77
N GLU C 277 -9.33 20.53 -18.90
CA GLU C 277 -9.84 21.88 -18.65
C GLU C 277 -10.63 22.45 -19.83
N TYR C 278 -10.58 21.79 -20.99
CA TYR C 278 -11.27 22.29 -22.18
C TYR C 278 -12.57 21.55 -22.48
N VAL C 279 -12.65 20.26 -22.15
CA VAL C 279 -13.77 19.43 -22.56
C VAL C 279 -14.32 18.70 -21.35
N CYS C 280 -15.64 18.47 -21.35
CA CYS C 280 -16.30 17.61 -20.38
C CYS C 280 -16.94 16.45 -21.13
N ASN C 281 -16.74 15.24 -20.62
CA ASN C 281 -17.28 14.05 -21.28
C ASN C 281 -18.81 14.04 -21.19
N GLY C 282 -19.44 13.42 -22.19
CA GLY C 282 -20.87 13.51 -22.35
C GLY C 282 -21.67 12.35 -21.79
N ALA C 283 -21.07 11.16 -21.74
CA ALA C 283 -21.72 9.96 -21.22
C ALA C 283 -22.98 9.59 -22.01
N ASP C 284 -22.98 9.87 -23.32
CA ASP C 284 -24.08 9.41 -24.15
C ASP C 284 -23.98 7.92 -24.44
N HIS C 285 -22.76 7.42 -24.64
CA HIS C 285 -22.55 5.99 -24.81
C HIS C 285 -22.97 5.22 -23.57
N SER C 286 -22.89 5.85 -22.39
CA SER C 286 -23.26 5.18 -21.15
C SER C 286 -24.76 4.94 -21.08
N TRP C 287 -25.57 5.86 -21.61
CA TRP C 287 -27.02 5.72 -21.58
C TRP C 287 -27.46 4.51 -22.38
N SER D 2 -28.30 -31.14 -4.04
CA SER D 2 -27.60 -29.87 -3.85
C SER D 2 -26.35 -30.06 -2.99
N MET D 3 -26.56 -30.48 -1.73
CA MET D 3 -25.43 -30.80 -0.87
C MET D 3 -24.69 -32.04 -1.35
N GLN D 4 -25.41 -33.01 -1.92
CA GLN D 4 -24.75 -34.18 -2.49
C GLN D 4 -23.83 -33.79 -3.64
N TYR D 5 -24.22 -32.78 -4.41
CA TYR D 5 -23.34 -32.30 -5.48
C TYR D 5 -22.08 -31.65 -4.92
N PHE D 6 -22.22 -30.84 -3.87
CA PHE D 6 -21.05 -30.23 -3.25
C PHE D 6 -20.12 -31.29 -2.69
N ALA D 7 -20.69 -32.38 -2.15
CA ALA D 7 -19.87 -33.49 -1.70
C ALA D 7 -19.18 -34.20 -2.85
N GLN D 8 -19.82 -34.25 -4.02
CA GLN D 8 -19.21 -34.89 -5.19
C GLN D 8 -17.97 -34.11 -5.65
N ILE D 9 -18.11 -32.80 -5.82
CA ILE D 9 -17.01 -32.01 -6.35
C ILE D 9 -15.85 -31.90 -5.36
N VAL D 10 -16.11 -32.06 -4.06
CA VAL D 10 -15.04 -32.08 -3.08
C VAL D 10 -14.30 -33.41 -3.11
N ASN D 11 -15.05 -34.53 -3.08
CA ASN D 11 -14.43 -35.84 -3.12
C ASN D 11 -13.75 -36.10 -4.46
N ARG D 12 -14.23 -35.46 -5.54
CA ARG D 12 -13.58 -35.60 -6.83
C ARG D 12 -12.19 -34.99 -6.82
N GLU D 13 -11.98 -33.93 -6.03
CA GLU D 13 -10.66 -33.31 -5.95
C GLU D 13 -9.68 -34.14 -5.12
N GLU D 14 -10.19 -34.96 -4.21
CA GLU D 14 -9.31 -35.67 -3.28
C GLU D 14 -8.46 -36.73 -3.97
N ASN D 15 -8.94 -37.27 -5.10
CA ASN D 15 -8.26 -38.33 -5.80
C ASN D 15 -8.31 -38.15 -7.32
N LYS D 16 -8.28 -36.90 -7.78
CA LYS D 16 -8.37 -36.65 -9.22
C LYS D 16 -7.13 -37.13 -9.96
N TRP D 17 -5.97 -37.14 -9.31
CA TRP D 17 -4.74 -37.59 -9.94
C TRP D 17 -4.25 -38.84 -9.26
N PRO D 18 -4.35 -40.01 -9.88
CA PRO D 18 -3.86 -41.24 -9.24
C PRO D 18 -2.36 -41.21 -9.07
N SER D 19 -1.89 -41.76 -7.95
CA SER D 19 -0.47 -41.77 -7.65
C SER D 19 0.27 -42.75 -8.56
N GLU D 20 1.28 -42.26 -9.26
CA GLU D 20 2.09 -43.09 -10.15
C GLU D 20 3.34 -43.56 -9.43
N PRO D 21 3.70 -44.84 -9.52
CA PRO D 21 4.83 -45.34 -8.75
C PRO D 21 6.16 -44.79 -9.26
N ILE D 22 7.10 -44.63 -8.34
CA ILE D 22 8.41 -44.08 -8.63
C ILE D 22 9.41 -45.22 -8.68
N ASN D 23 10.23 -45.25 -9.74
CA ASN D 23 11.28 -46.25 -9.85
C ASN D 23 12.21 -46.17 -8.65
N LYS D 24 12.77 -47.32 -8.27
CA LYS D 24 13.59 -47.42 -7.07
C LYS D 24 15.07 -47.25 -7.40
N TYR D 25 15.39 -46.08 -7.94
CA TYR D 25 16.76 -45.63 -8.15
C TYR D 25 16.96 -44.34 -7.39
N ILE D 26 18.12 -44.20 -6.74
CA ILE D 26 18.52 -42.95 -6.11
C ILE D 26 19.71 -42.41 -6.88
N HIS D 27 19.52 -41.27 -7.54
CA HIS D 27 20.58 -40.64 -8.33
C HIS D 27 21.20 -39.51 -7.54
N MET D 28 22.52 -39.54 -7.39
CA MET D 28 23.28 -38.46 -6.79
C MET D 28 24.44 -38.11 -7.71
N ILE D 29 24.80 -36.83 -7.73
CA ILE D 29 25.80 -36.32 -8.66
C ILE D 29 26.95 -35.71 -7.88
N TRP D 30 28.18 -36.11 -8.23
CA TRP D 30 29.40 -35.49 -7.72
C TRP D 30 30.42 -35.46 -8.87
N ILE D 31 30.31 -34.44 -9.71
CA ILE D 31 31.23 -34.26 -10.84
C ILE D 31 32.26 -33.22 -10.46
N GLY D 32 33.42 -33.29 -11.10
CA GLY D 32 34.47 -32.33 -10.86
C GLY D 32 35.74 -32.96 -10.33
N PRO D 33 36.77 -32.13 -10.12
CA PRO D 33 38.05 -32.66 -9.64
C PRO D 33 38.19 -32.66 -8.13
N LYS D 34 37.37 -31.85 -7.45
CA LYS D 34 37.46 -31.76 -6.00
C LYS D 34 36.93 -33.03 -5.34
N ASN D 35 37.59 -33.44 -4.27
CA ASN D 35 37.20 -34.67 -3.58
C ASN D 35 35.95 -34.46 -2.75
N ILE D 36 35.19 -35.54 -2.56
CA ILE D 36 33.99 -35.50 -1.75
C ILE D 36 34.37 -35.35 -0.28
N SER D 37 33.59 -34.58 0.46
CA SER D 37 33.87 -34.35 1.86
C SER D 37 33.51 -35.58 2.70
N ASP D 38 34.13 -35.66 3.89
CA ASP D 38 33.85 -36.77 4.79
C ASP D 38 32.40 -36.77 5.25
N LYS D 39 31.79 -35.59 5.37
CA LYS D 39 30.38 -35.52 5.77
C LYS D 39 29.48 -36.15 4.71
N ASN D 40 29.69 -35.79 3.44
CA ASN D 40 28.85 -36.32 2.37
C ASN D 40 29.07 -37.81 2.17
N ILE D 41 30.27 -38.31 2.48
CA ILE D 41 30.51 -39.75 2.41
C ILE D 41 29.66 -40.48 3.44
N ARG D 42 29.56 -39.93 4.64
CA ARG D 42 28.70 -40.53 5.66
C ARG D 42 27.23 -40.37 5.29
N LEU D 43 26.85 -39.21 4.76
CA LEU D 43 25.46 -38.99 4.35
C LEU D 43 25.09 -39.86 3.15
N SER D 44 26.06 -40.19 2.30
CA SER D 44 25.77 -41.05 1.15
C SER D 44 25.67 -42.51 1.57
N LEU D 45 26.54 -42.96 2.47
CA LEU D 45 26.42 -44.31 3.01
C LEU D 45 25.10 -44.48 3.75
N GLN D 46 24.72 -43.49 4.56
CA GLN D 46 23.45 -43.55 5.27
C GLN D 46 22.27 -43.55 4.31
N THR D 47 22.40 -42.82 3.20
CA THR D 47 21.34 -42.83 2.19
C THR D 47 21.13 -44.24 1.62
N ALA D 48 22.23 -44.92 1.29
CA ALA D 48 22.13 -46.26 0.72
C ALA D 48 21.69 -47.28 1.76
N GLN D 49 22.20 -47.16 2.99
CA GLN D 49 21.88 -48.14 4.02
C GLN D 49 20.42 -48.05 4.46
N LYS D 50 19.83 -46.85 4.42
CA LYS D 50 18.43 -46.70 4.79
C LYS D 50 17.48 -47.07 3.65
N ASN D 51 17.99 -47.29 2.44
CA ASN D 51 17.17 -47.68 1.30
C ASN D 51 17.74 -48.96 0.68
N PRO D 52 17.56 -50.10 1.34
CA PRO D 52 18.11 -51.35 0.78
C PRO D 52 17.40 -51.82 -0.48
N ASP D 53 16.17 -51.38 -0.72
CA ASP D 53 15.44 -51.74 -1.92
C ASP D 53 15.68 -50.77 -3.08
N TYR D 54 16.59 -49.82 -2.91
CA TYR D 54 16.98 -48.89 -3.95
C TYR D 54 18.43 -49.15 -4.36
N SER D 55 18.75 -48.80 -5.61
CA SER D 55 20.12 -48.86 -6.10
C SER D 55 20.66 -47.43 -6.11
N THR D 56 21.46 -47.09 -5.10
CA THR D 56 21.98 -45.75 -4.95
C THR D 56 23.28 -45.61 -5.73
N THR D 57 23.38 -44.52 -6.50
CA THR D 57 24.54 -44.28 -7.36
C THR D 57 25.00 -42.84 -7.22
N ILE D 58 26.30 -42.64 -7.37
CA ILE D 58 26.92 -41.31 -7.41
C ILE D 58 27.52 -41.12 -8.80
N ILE D 59 27.01 -40.14 -9.53
CA ILE D 59 27.35 -39.95 -10.93
C ILE D 59 28.53 -39.00 -11.04
N TYR D 60 29.53 -39.38 -11.82
CA TYR D 60 30.63 -38.52 -12.18
C TYR D 60 30.74 -38.43 -13.70
N ASP D 61 31.63 -37.55 -14.17
CA ASP D 61 31.83 -37.32 -15.60
C ASP D 61 33.30 -37.50 -15.92
N SER D 62 33.60 -38.41 -16.84
CA SER D 62 34.97 -38.61 -17.30
C SER D 62 35.39 -37.58 -18.35
N GLY D 63 34.49 -36.70 -18.77
CA GLY D 63 34.81 -35.62 -19.68
C GLY D 63 35.27 -34.35 -19.02
N ILE D 64 35.58 -34.39 -17.73
CA ILE D 64 36.06 -33.23 -16.99
C ILE D 64 37.53 -33.43 -16.67
N SER D 65 38.34 -32.40 -16.93
CA SER D 65 39.76 -32.48 -16.64
C SER D 65 39.99 -32.65 -15.14
N GLY D 66 40.85 -33.61 -14.79
CA GLY D 66 41.15 -33.86 -13.40
C GLY D 66 40.10 -34.68 -12.66
N TYR D 67 39.29 -35.46 -13.38
CA TYR D 67 38.26 -36.25 -12.73
C TYR D 67 38.79 -37.52 -12.08
N GLU D 68 39.98 -37.98 -12.49
CA GLU D 68 40.47 -39.27 -12.01
C GLU D 68 40.76 -39.24 -10.51
N ALA D 69 41.45 -38.19 -10.05
CA ALA D 69 41.78 -38.09 -8.64
C ALA D 69 40.52 -38.05 -7.77
N ALA D 70 39.44 -37.47 -8.28
CA ALA D 70 38.19 -37.44 -7.52
C ALA D 70 37.44 -38.76 -7.62
N ARG D 71 37.50 -39.42 -8.78
CA ARG D 71 36.83 -40.70 -8.92
C ARG D 71 37.53 -41.79 -8.12
N ASN D 72 38.87 -41.85 -8.21
CA ASN D 72 39.61 -42.85 -7.45
C ASN D 72 39.45 -42.64 -5.95
N PHE D 73 39.27 -41.40 -5.52
CA PHE D 73 39.05 -41.13 -4.10
C PHE D 73 37.68 -41.62 -3.65
N MET D 74 36.66 -41.46 -4.50
CA MET D 74 35.32 -41.91 -4.13
C MET D 74 35.23 -43.42 -4.05
N SER D 75 35.70 -44.12 -5.08
CA SER D 75 35.54 -45.58 -5.15
C SER D 75 36.23 -46.28 -4.00
N GLU D 76 37.31 -45.71 -3.47
CA GLU D 76 37.98 -46.33 -2.33
C GLU D 76 37.19 -46.12 -1.04
N LYS D 77 36.55 -44.96 -0.90
CA LYS D 77 35.68 -44.74 0.26
C LYS D 77 34.44 -45.60 0.20
N PHE D 78 33.88 -45.78 -1.00
CA PHE D 78 32.73 -46.67 -1.21
C PHE D 78 33.18 -48.03 -1.74
N LYS D 79 34.10 -48.67 -1.03
CA LYS D 79 34.70 -49.91 -1.52
C LYS D 79 33.79 -51.10 -1.32
N ALA D 80 33.38 -51.36 -0.08
CA ALA D 80 32.52 -52.49 0.25
C ALA D 80 31.09 -52.06 0.57
N SER D 81 30.63 -50.99 -0.08
CA SER D 81 29.30 -50.45 0.16
C SER D 81 28.38 -50.78 -1.01
N LYS D 82 27.11 -50.43 -0.83
CA LYS D 82 26.10 -50.60 -1.88
C LYS D 82 26.04 -49.41 -2.82
N ILE D 83 26.95 -48.46 -2.69
CA ILE D 83 26.99 -47.29 -3.56
C ILE D 83 27.85 -47.62 -4.78
N THR D 84 27.29 -47.43 -5.97
CA THR D 84 27.99 -47.66 -7.22
C THR D 84 28.27 -46.34 -7.91
N LEU D 85 29.54 -46.14 -8.29
CA LEU D 85 29.91 -44.97 -9.07
C LEU D 85 29.57 -45.22 -10.54
N VAL D 86 28.84 -44.30 -11.15
CA VAL D 86 28.34 -44.46 -12.51
C VAL D 86 28.81 -43.27 -13.33
N ASP D 87 29.66 -43.54 -14.31
CA ASP D 87 30.09 -42.50 -15.24
C ASP D 87 28.93 -42.13 -16.16
N ILE D 88 28.72 -40.83 -16.33
CA ILE D 88 27.61 -40.38 -17.18
C ILE D 88 27.85 -40.75 -18.65
N ARG D 89 29.12 -40.92 -19.03
CA ARG D 89 29.46 -41.33 -20.39
C ARG D 89 29.18 -42.80 -20.65
N ASN D 90 28.90 -43.58 -19.61
CA ASN D 90 28.57 -45.00 -19.76
C ASN D 90 27.08 -45.29 -19.67
N LYS D 91 26.25 -44.26 -19.56
CA LYS D 91 24.81 -44.46 -19.55
C LYS D 91 24.34 -44.99 -20.90
N GLY D 92 23.41 -45.95 -20.86
CA GLY D 92 22.91 -46.54 -22.10
C GLY D 92 22.19 -45.57 -23.00
N TYR D 93 21.72 -44.45 -22.44
CA TYR D 93 21.02 -43.42 -23.19
C TYR D 93 21.91 -42.23 -23.52
N PHE D 94 23.23 -42.37 -23.37
CA PHE D 94 24.12 -41.23 -23.59
C PHE D 94 24.15 -40.82 -25.06
N HIS D 95 23.91 -41.76 -25.98
CA HIS D 95 23.93 -41.41 -27.40
C HIS D 95 22.81 -40.44 -27.76
N GLN D 96 21.65 -40.58 -27.12
CA GLN D 96 20.59 -39.60 -27.27
C GLN D 96 20.65 -38.50 -26.20
N LEU D 97 21.52 -38.65 -25.20
CA LEU D 97 21.71 -37.57 -24.24
C LEU D 97 22.51 -36.43 -24.87
N GLN D 98 23.51 -36.75 -25.68
CA GLN D 98 24.29 -35.74 -26.39
C GLN D 98 23.54 -35.14 -27.57
N GLN D 99 22.30 -35.55 -27.80
CA GLN D 99 21.42 -34.91 -28.78
C GLN D 99 20.42 -33.97 -28.14
N GLU D 100 20.45 -33.83 -26.83
CA GLU D 100 19.58 -32.88 -26.14
C GLU D 100 20.18 -31.48 -26.22
N PRO D 101 19.38 -30.47 -26.55
CA PRO D 101 19.90 -29.09 -26.54
C PRO D 101 20.36 -28.64 -25.16
N SER D 102 19.84 -29.26 -24.10
CA SER D 102 20.31 -28.92 -22.75
C SER D 102 21.71 -29.45 -22.49
N PHE D 103 22.10 -30.53 -23.17
CA PHE D 103 23.42 -31.11 -22.96
C PHE D 103 24.52 -30.27 -23.58
N THR D 104 24.21 -29.52 -24.63
CA THR D 104 25.20 -28.61 -25.21
C THR D 104 25.65 -27.58 -24.19
N TYR D 105 24.71 -27.06 -23.39
CA TYR D 105 25.06 -26.11 -22.36
C TYR D 105 25.70 -26.78 -21.15
N TYR D 106 25.36 -28.05 -20.89
CA TYR D 106 26.05 -28.79 -19.84
C TYR D 106 27.54 -28.90 -20.15
N GLU D 107 27.87 -29.15 -21.42
CA GLU D 107 29.28 -29.21 -21.82
C GLU D 107 29.96 -27.86 -21.69
N GLU D 108 29.23 -26.77 -21.95
CA GLU D 108 29.83 -25.44 -21.86
C GLU D 108 30.10 -25.05 -20.41
N VAL D 109 29.20 -25.43 -19.50
CA VAL D 109 29.34 -25.00 -18.12
C VAL D 109 30.40 -25.81 -17.37
N ILE D 110 30.57 -27.08 -17.70
CA ILE D 110 31.64 -27.85 -17.07
C ILE D 110 33.00 -27.40 -17.56
N ARG D 111 33.08 -26.85 -18.77
CA ARG D 111 34.34 -26.28 -19.23
C ARG D 111 34.67 -24.97 -18.55
N ASN D 112 33.67 -24.27 -18.03
CA ASN D 112 33.87 -23.09 -17.20
C ASN D 112 34.01 -23.44 -15.72
N LYS D 113 34.11 -24.72 -15.39
CA LYS D 113 34.35 -25.20 -14.03
C LYS D 113 33.23 -24.78 -13.06
N LYS D 114 32.02 -24.61 -13.57
CA LYS D 114 30.86 -24.29 -12.74
C LYS D 114 30.04 -25.58 -12.58
N PHE D 115 30.51 -26.43 -11.68
CA PHE D 115 29.97 -27.80 -11.60
C PHE D 115 28.62 -27.84 -10.89
N ALA D 116 28.43 -27.01 -9.86
CA ALA D 116 27.13 -26.95 -9.21
C ALA D 116 26.06 -26.47 -10.19
N GLN D 117 26.41 -25.52 -11.06
CA GLN D 117 25.49 -25.05 -12.09
C GLN D 117 25.21 -26.13 -13.12
N ALA D 118 26.22 -26.94 -13.45
CA ALA D 118 26.02 -28.05 -14.37
C ALA D 118 25.30 -29.23 -13.74
N SER D 119 25.34 -29.35 -12.41
CA SER D 119 24.60 -30.42 -11.75
C SER D 119 23.10 -30.18 -11.80
N ASP D 120 22.69 -28.91 -11.87
CA ASP D 120 21.27 -28.61 -12.00
C ASP D 120 20.71 -29.13 -13.32
N ILE D 121 21.52 -29.11 -14.38
CA ILE D 121 21.06 -29.62 -15.67
C ILE D 121 21.07 -31.14 -15.70
N LEU D 122 22.18 -31.74 -15.26
CA LEU D 122 22.35 -33.18 -15.41
C LEU D 122 21.34 -33.97 -14.59
N ARG D 123 20.92 -33.45 -13.44
CA ARG D 123 19.93 -34.16 -12.64
C ARG D 123 18.59 -34.25 -13.34
N LEU D 124 18.24 -33.26 -14.16
CA LEU D 124 16.99 -33.31 -14.90
C LEU D 124 17.08 -34.31 -16.04
N LEU D 125 18.23 -34.41 -16.69
CA LEU D 125 18.40 -35.37 -17.78
C LEU D 125 18.36 -36.80 -17.26
N VAL D 126 18.97 -37.06 -16.10
CA VAL D 126 18.93 -38.40 -15.52
C VAL D 126 17.50 -38.78 -15.13
N LEU D 127 16.77 -37.84 -14.52
CA LEU D 127 15.38 -38.10 -14.17
C LEU D 127 14.52 -38.31 -15.40
N LYS D 128 14.84 -37.62 -16.50
CA LYS D 128 14.05 -37.75 -17.72
C LYS D 128 14.19 -39.14 -18.34
N TYR D 129 15.42 -39.66 -18.41
CA TYR D 129 15.68 -40.90 -19.11
C TYR D 129 15.61 -42.13 -18.22
N GLU D 130 15.59 -41.98 -16.91
CA GLU D 130 15.53 -43.13 -16.01
C GLU D 130 14.39 -43.05 -15.01
N GLY D 131 14.05 -41.87 -14.53
CA GLY D 131 13.10 -41.75 -13.45
C GLY D 131 13.75 -42.02 -12.11
N GLY D 132 12.92 -42.25 -11.11
CA GLY D 132 13.40 -42.51 -9.77
C GLY D 132 13.46 -41.28 -8.90
N ILE D 133 14.50 -41.18 -8.07
CA ILE D 133 14.65 -40.08 -7.13
C ILE D 133 16.04 -39.51 -7.29
N TYR D 134 16.13 -38.21 -7.55
CA TYR D 134 17.41 -37.52 -7.43
C TYR D 134 17.56 -36.97 -6.02
N LYS D 135 18.81 -36.91 -5.56
CA LYS D 135 19.10 -36.39 -4.23
C LYS D 135 20.56 -35.94 -4.21
N ASP D 136 20.80 -34.75 -3.66
CA ASP D 136 22.17 -34.29 -3.48
C ASP D 136 22.84 -35.04 -2.35
N ILE D 137 24.16 -35.21 -2.45
CA ILE D 137 24.89 -35.98 -1.46
C ILE D 137 24.94 -35.28 -0.11
N ASP D 138 24.66 -33.99 -0.06
CA ASP D 138 24.62 -33.26 1.21
C ASP D 138 23.24 -33.28 1.86
N ASP D 139 22.25 -33.89 1.21
CA ASP D 139 20.93 -34.05 1.80
C ASP D 139 20.94 -35.18 2.83
N ILE D 140 20.33 -34.93 3.98
CA ILE D 140 20.25 -35.94 5.04
C ILE D 140 19.07 -36.85 4.75
N GLN D 141 19.31 -38.16 4.83
CA GLN D 141 18.26 -39.15 4.65
C GLN D 141 17.66 -39.47 6.00
N ILE D 142 16.45 -38.96 6.26
CA ILE D 142 15.80 -39.18 7.55
C ILE D 142 15.39 -40.65 7.68
N LYS D 143 14.48 -41.10 6.82
CA LYS D 143 14.03 -42.49 6.80
C LYS D 143 13.97 -42.98 5.37
N GLY D 144 13.88 -44.30 5.23
CA GLY D 144 13.87 -44.89 3.91
C GLY D 144 12.62 -44.53 3.13
N PHE D 145 12.79 -44.34 1.81
CA PHE D 145 11.66 -43.98 0.97
C PHE D 145 10.62 -45.09 0.94
N GLY D 146 11.06 -46.34 0.76
CA GLY D 146 10.12 -47.40 0.54
C GLY D 146 9.47 -47.27 -0.83
N SER D 147 8.34 -47.95 -0.99
CA SER D 147 7.57 -47.86 -2.23
C SER D 147 6.84 -46.52 -2.27
N LEU D 148 7.26 -45.62 -3.14
CA LEU D 148 6.68 -44.30 -3.26
C LEU D 148 5.78 -44.21 -4.48
N ALA D 149 4.77 -43.34 -4.37
CA ALA D 149 3.87 -43.06 -5.48
C ALA D 149 3.30 -41.67 -5.29
N PHE D 150 3.47 -40.81 -6.29
CA PHE D 150 3.04 -39.43 -6.18
C PHE D 150 2.00 -39.09 -7.23
N PRO D 151 1.03 -38.22 -6.92
CA PRO D 151 0.11 -37.74 -7.94
C PRO D 151 0.85 -37.04 -9.07
N LYS D 152 0.43 -37.33 -10.30
CA LYS D 152 1.10 -36.87 -11.52
C LYS D 152 2.57 -37.28 -11.57
N GLY D 153 2.95 -38.30 -10.80
CA GLY D 153 4.29 -38.86 -10.86
C GLY D 153 5.42 -37.90 -10.56
N ILE D 154 5.21 -36.97 -9.63
CA ILE D 154 6.21 -35.98 -9.30
C ILE D 154 6.21 -35.76 -7.79
N GLY D 155 7.39 -35.81 -7.18
CA GLY D 155 7.52 -35.59 -5.75
C GLY D 155 8.60 -34.56 -5.47
N VAL D 156 8.27 -33.65 -4.55
CA VAL D 156 9.13 -32.50 -4.26
C VAL D 156 9.15 -32.26 -2.76
N MET D 157 10.06 -31.39 -2.35
CA MET D 157 10.11 -30.91 -0.97
C MET D 157 9.15 -29.73 -0.79
N ARG D 158 8.87 -29.42 0.47
CA ARG D 158 8.16 -28.19 0.77
C ARG D 158 8.96 -27.00 0.24
N GLU D 159 8.24 -26.02 -0.33
CA GLU D 159 8.91 -24.85 -0.86
C GLU D 159 9.52 -24.01 0.27
N TYR D 160 10.66 -23.40 -0.02
CA TYR D 160 11.32 -22.48 0.89
C TYR D 160 11.15 -21.06 0.38
N VAL D 161 11.59 -20.10 1.19
CA VAL D 161 11.48 -18.68 0.86
C VAL D 161 12.85 -18.05 0.98
N PRO D 162 13.43 -17.52 -0.10
CA PRO D 162 14.69 -16.79 0.03
C PRO D 162 14.54 -15.62 1.00
N GLU D 163 15.66 -15.23 1.60
CA GLU D 163 15.65 -14.18 2.62
C GLU D 163 15.15 -12.85 2.09
N ALA D 164 15.09 -12.67 0.77
CA ALA D 164 14.59 -11.43 0.18
C ALA D 164 14.09 -11.69 -1.24
N GLY D 165 13.39 -12.80 -1.44
CA GLY D 165 13.04 -13.26 -2.77
C GLY D 165 11.66 -12.90 -3.28
N LYS D 166 10.77 -12.48 -2.38
CA LYS D 166 9.41 -12.05 -2.74
C LYS D 166 8.56 -13.19 -3.30
N SER D 167 9.16 -14.37 -3.51
CA SER D 167 8.44 -15.50 -4.06
C SER D 167 9.10 -16.78 -3.59
N ALA D 168 8.29 -17.80 -3.34
CA ALA D 168 8.77 -19.08 -2.86
C ALA D 168 9.36 -19.90 -4.00
N ALA D 169 10.02 -21.00 -3.64
CA ALA D 169 10.67 -21.86 -4.62
C ALA D 169 10.77 -23.26 -4.05
N PHE D 170 10.48 -24.25 -4.89
CA PHE D 170 10.69 -25.64 -4.52
C PHE D 170 12.14 -26.02 -4.77
N PRO D 171 12.81 -26.69 -3.84
CA PRO D 171 14.19 -27.14 -4.10
C PRO D 171 14.22 -28.11 -5.27
N ASN D 172 15.34 -28.09 -6.00
CA ASN D 172 15.58 -29.05 -7.07
C ASN D 172 16.37 -30.26 -6.57
N SER D 173 16.20 -30.60 -5.29
CA SER D 173 16.84 -31.72 -4.62
C SER D 173 16.27 -31.86 -3.21
N PRO D 174 15.69 -33.01 -2.86
CA PRO D 174 15.47 -34.16 -3.74
C PRO D 174 14.24 -34.01 -4.64
N ILE D 175 14.23 -34.74 -5.76
CA ILE D 175 13.10 -34.76 -6.69
C ILE D 175 12.77 -36.21 -6.98
N ALA D 176 11.48 -36.56 -6.84
CA ALA D 176 10.98 -37.86 -7.24
C ALA D 176 10.13 -37.70 -8.49
N ALA D 177 10.39 -38.54 -9.49
CA ALA D 177 9.72 -38.38 -10.78
C ALA D 177 9.60 -39.73 -11.47
N THR D 178 8.54 -39.86 -12.25
CA THR D 178 8.43 -40.98 -13.18
C THR D 178 9.32 -40.73 -14.39
N LYS D 179 9.54 -41.79 -15.17
CA LYS D 179 10.35 -41.67 -16.37
C LYS D 179 9.68 -40.73 -17.36
N ASN D 180 10.46 -39.81 -17.91
CA ASN D 180 9.99 -38.83 -18.89
C ASN D 180 8.78 -38.06 -18.35
N ASN D 181 9.01 -37.38 -17.23
CA ASN D 181 7.93 -36.68 -16.55
C ASN D 181 7.75 -35.28 -17.15
N PRO D 182 6.50 -34.87 -17.36
CA PRO D 182 6.25 -33.56 -17.98
C PRO D 182 6.85 -32.39 -17.21
N VAL D 183 6.89 -32.45 -15.88
CA VAL D 183 7.46 -31.35 -15.11
C VAL D 183 8.97 -31.28 -15.32
N VAL D 184 9.62 -32.43 -15.43
CA VAL D 184 11.06 -32.45 -15.70
C VAL D 184 11.34 -31.97 -17.12
N ASN D 185 10.51 -32.38 -18.08
CA ASN D 185 10.71 -31.94 -19.46
C ASN D 185 10.52 -30.43 -19.59
N LYS D 186 9.50 -29.88 -18.94
CA LYS D 186 9.26 -28.43 -19.00
C LYS D 186 10.39 -27.65 -18.33
N THR D 187 10.98 -28.20 -17.27
CA THR D 187 12.11 -27.53 -16.62
C THR D 187 13.31 -27.45 -17.56
N LEU D 188 13.53 -28.50 -18.36
CA LEU D 188 14.63 -28.49 -19.31
C LEU D 188 14.35 -27.53 -20.46
N GLU D 189 13.09 -27.45 -20.90
CA GLU D 189 12.72 -26.49 -21.94
C GLU D 189 13.00 -25.06 -21.50
N LEU D 190 12.65 -24.73 -20.25
CA LEU D 190 12.91 -23.39 -19.74
C LEU D 190 14.41 -23.16 -19.53
N ALA D 191 15.14 -24.21 -19.16
CA ALA D 191 16.57 -24.08 -18.94
C ALA D 191 17.30 -23.76 -20.25
N VAL D 192 16.96 -24.47 -21.32
CA VAL D 192 17.53 -24.16 -22.64
C VAL D 192 17.12 -22.75 -23.07
N GLU D 193 15.87 -22.37 -22.78
CA GLU D 193 15.39 -21.04 -23.16
C GLU D 193 16.12 -19.94 -22.39
N ASN D 194 16.47 -20.22 -21.13
CA ASN D 194 17.23 -19.24 -20.36
C ASN D 194 18.68 -19.16 -20.83
N TYR D 195 19.28 -20.30 -21.15
CA TYR D 195 20.66 -20.30 -21.63
C TYR D 195 20.78 -19.67 -23.02
N ARG D 196 19.79 -19.92 -23.89
CA ARG D 196 19.82 -19.32 -25.21
C ARG D 196 19.73 -17.81 -25.17
N HIS D 197 19.03 -17.27 -24.17
CA HIS D 197 18.83 -15.83 -24.03
C HIS D 197 19.95 -15.16 -23.24
N GLY D 198 21.01 -15.88 -22.91
CA GLY D 198 22.14 -15.30 -22.21
C GLY D 198 21.86 -14.85 -20.79
N GLU D 199 21.05 -15.61 -20.06
CA GLU D 199 20.77 -15.28 -18.67
C GLU D 199 22.02 -15.40 -17.82
N LYS D 200 22.26 -14.41 -16.97
CA LYS D 200 23.43 -14.39 -16.10
C LYS D 200 23.05 -14.48 -14.63
N ASN D 201 21.78 -14.71 -14.31
CA ASN D 201 21.35 -14.97 -12.94
C ASN D 201 21.32 -16.48 -12.76
N VAL D 202 22.23 -17.00 -11.92
CA VAL D 202 22.31 -18.44 -11.68
C VAL D 202 21.01 -19.00 -11.12
N LEU D 203 20.18 -18.15 -10.50
CA LEU D 203 18.88 -18.59 -10.02
C LEU D 203 17.84 -18.70 -11.12
N LYS D 204 18.11 -18.14 -12.31
CA LYS D 204 17.18 -18.18 -13.43
C LYS D 204 17.76 -18.95 -14.61
N LEU D 205 18.48 -20.04 -14.31
CA LEU D 205 19.03 -20.87 -15.37
C LEU D 205 18.33 -22.24 -15.38
N ALA D 206 18.70 -23.10 -14.43
CA ALA D 206 18.05 -24.40 -14.29
C ALA D 206 17.85 -24.78 -12.83
N GLY D 207 17.96 -23.82 -11.91
CA GLY D 207 17.89 -24.10 -10.50
C GLY D 207 16.47 -24.19 -9.97
N PRO D 208 16.32 -23.96 -8.66
CA PRO D 208 14.99 -24.12 -8.05
C PRO D 208 13.94 -23.18 -8.61
N ASP D 209 14.30 -21.94 -8.94
CA ASP D 209 13.32 -21.00 -9.47
C ASP D 209 12.79 -21.45 -10.83
N VAL D 210 13.63 -22.07 -11.66
CA VAL D 210 13.17 -22.58 -12.94
C VAL D 210 12.35 -23.85 -12.75
N PHE D 211 12.80 -24.73 -11.85
CA PHE D 211 12.03 -25.93 -11.52
C PHE D 211 10.65 -25.56 -10.99
N THR D 212 10.59 -24.57 -10.10
CA THR D 212 9.31 -24.11 -9.57
C THR D 212 8.41 -23.56 -10.68
N LYS D 213 8.98 -22.75 -11.57
CA LYS D 213 8.20 -22.18 -12.66
C LYS D 213 7.62 -23.26 -13.56
N ALA D 214 8.41 -24.29 -13.87
CA ALA D 214 7.91 -25.39 -14.68
C ALA D 214 6.87 -26.20 -13.91
N LEU D 215 7.07 -26.36 -12.59
CA LEU D 215 6.09 -27.06 -11.77
C LEU D 215 4.75 -26.33 -11.77
N TYR D 216 4.79 -25.00 -11.67
CA TYR D 216 3.55 -24.22 -11.68
C TYR D 216 2.83 -24.32 -13.02
N GLN D 217 3.58 -24.47 -14.12
CA GLN D 217 2.95 -24.56 -15.44
C GLN D 217 2.19 -25.87 -15.59
N GLU D 218 2.81 -26.99 -15.23
CA GLU D 218 2.16 -28.29 -15.37
C GLU D 218 1.08 -28.48 -14.31
N ILE D 219 1.34 -28.07 -13.08
CA ILE D 219 0.39 -28.22 -11.98
C ILE D 219 0.17 -26.86 -11.33
N PRO D 220 -0.79 -26.07 -11.80
CA PRO D 220 -0.95 -24.71 -11.26
C PRO D 220 -1.35 -24.66 -9.79
N GLY D 221 -1.94 -25.74 -9.26
CA GLY D 221 -2.34 -25.74 -7.87
C GLY D 221 -1.19 -25.82 -6.88
N MET D 222 0.03 -26.07 -7.35
CA MET D 222 1.18 -26.11 -6.45
C MET D 222 1.55 -24.73 -5.93
N CYS D 223 1.14 -23.67 -6.62
CA CYS D 223 1.30 -22.32 -6.08
C CYS D 223 0.31 -22.13 -4.93
N SER D 224 0.84 -21.86 -3.74
CA SER D 224 0.01 -21.82 -2.54
C SER D 224 -1.13 -20.81 -2.66
N GLN D 225 -0.90 -19.70 -3.36
CA GLN D 225 -1.97 -18.72 -3.55
C GLN D 225 -3.02 -19.20 -4.53
N VAL D 226 -2.68 -20.12 -5.44
CA VAL D 226 -3.68 -20.67 -6.36
C VAL D 226 -4.59 -21.65 -5.63
N LEU D 227 -4.00 -22.58 -4.87
CA LEU D 227 -4.81 -23.47 -4.04
C LEU D 227 -5.56 -22.68 -2.97
N GLY D 228 -4.98 -21.58 -2.50
CA GLY D 228 -5.66 -20.72 -1.55
C GLY D 228 -6.96 -20.17 -2.08
N THR D 229 -6.91 -19.48 -3.22
CA THR D 229 -8.13 -18.98 -3.86
C THR D 229 -9.04 -20.13 -4.29
N GLN D 230 -8.47 -21.30 -4.56
CA GLN D 230 -9.29 -22.46 -4.92
C GLN D 230 -10.13 -22.90 -3.74
N LEU D 231 -9.58 -22.82 -2.52
CA LEU D 231 -10.38 -23.10 -1.33
C LEU D 231 -11.45 -22.05 -1.12
N GLU D 232 -11.15 -20.79 -1.41
CA GLU D 232 -12.14 -19.73 -1.29
C GLU D 232 -13.31 -19.95 -2.25
N GLN D 233 -13.04 -20.51 -3.43
CA GLN D 233 -14.11 -20.78 -4.37
C GLN D 233 -15.03 -21.87 -3.85
N PHE D 234 -14.47 -22.87 -3.17
CA PHE D 234 -15.30 -23.91 -2.56
C PHE D 234 -16.05 -23.37 -1.34
N GLU D 235 -15.49 -22.37 -0.67
CA GLU D 235 -16.23 -21.70 0.40
C GLU D 235 -17.46 -20.98 -0.13
N LEU D 236 -17.31 -20.27 -1.25
CA LEU D 236 -18.45 -19.62 -1.89
C LEU D 236 -19.44 -20.65 -2.40
N ALA D 237 -18.94 -21.76 -2.95
CA ALA D 237 -19.83 -22.80 -3.47
C ALA D 237 -20.70 -23.38 -2.37
N LYS D 238 -20.12 -23.63 -1.19
CA LYS D 238 -20.90 -24.16 -0.09
C LYS D 238 -21.90 -23.12 0.42
N ARG D 239 -21.50 -21.85 0.44
CA ARG D 239 -22.43 -20.80 0.84
C ARG D 239 -23.58 -20.65 -0.15
N GLN D 240 -23.32 -20.90 -1.43
CA GLN D 240 -24.39 -20.91 -2.43
C GLN D 240 -25.35 -22.07 -2.18
N ALA D 241 -24.81 -23.27 -1.93
CA ALA D 241 -25.65 -24.42 -1.64
C ALA D 241 -26.40 -24.24 -0.31
N LEU D 242 -25.72 -23.68 0.69
CA LEU D 242 -26.36 -23.41 1.97
C LEU D 242 -27.34 -22.24 1.92
N LYS D 243 -27.42 -21.54 0.79
CA LYS D 243 -28.23 -20.34 0.66
C LYS D 243 -27.86 -19.30 1.72
N MET D 244 -26.57 -19.06 1.84
CA MET D 244 -25.98 -18.09 2.75
C MET D 244 -25.44 -16.88 1.98
N PRO D 245 -25.16 -15.78 2.66
CA PRO D 245 -24.58 -14.62 1.97
C PRO D 245 -23.27 -14.97 1.27
N LEU D 246 -23.10 -14.39 0.08
CA LEU D 246 -21.92 -14.65 -0.76
C LEU D 246 -20.86 -13.61 -0.45
N GLU D 247 -19.95 -13.96 0.45
CA GLU D 247 -18.88 -13.05 0.86
C GLU D 247 -17.79 -13.87 1.53
N LYS D 248 -16.62 -13.24 1.71
CA LYS D 248 -15.56 -13.87 2.47
C LYS D 248 -15.98 -14.02 3.93
N PRO D 249 -15.60 -15.11 4.59
CA PRO D 249 -16.07 -15.33 5.96
C PRO D 249 -15.56 -14.32 6.97
N LYS D 250 -14.44 -13.64 6.69
CA LYS D 250 -13.86 -12.60 7.54
C LYS D 250 -13.32 -13.16 8.86
N SER D 251 -13.81 -14.33 9.28
CA SER D 251 -13.34 -14.97 10.50
C SER D 251 -13.41 -16.48 10.33
N PHE D 252 -12.59 -17.18 11.10
CA PHE D 252 -12.57 -18.64 11.03
C PHE D 252 -13.88 -19.25 11.52
N ILE D 253 -14.60 -18.54 12.40
CA ILE D 253 -15.83 -19.08 12.95
C ILE D 253 -16.90 -19.19 11.88
N ASP D 254 -16.96 -18.22 10.98
CA ASP D 254 -17.98 -18.17 9.94
C ASP D 254 -17.59 -18.96 8.69
N GLU D 255 -16.40 -19.56 8.67
CA GLU D 255 -15.99 -20.37 7.52
C GLU D 255 -16.82 -21.65 7.46
N GLN D 256 -17.59 -21.80 6.39
CA GLN D 256 -18.43 -22.98 6.25
C GLN D 256 -17.65 -24.21 5.82
N LEU D 257 -16.53 -24.02 5.13
CA LEU D 257 -15.69 -25.16 4.75
C LEU D 257 -15.05 -25.77 5.99
N THR D 258 -15.39 -27.02 6.27
CA THR D 258 -14.79 -27.72 7.39
C THR D 258 -13.33 -28.04 7.07
N LEU D 259 -12.56 -28.30 8.14
CA LEU D 259 -11.15 -28.66 7.96
C LEU D 259 -11.00 -29.97 7.19
N GLN D 260 -12.00 -30.85 7.26
CA GLN D 260 -11.93 -32.10 6.51
C GLN D 260 -12.15 -31.85 5.02
N GLU D 261 -13.01 -30.89 4.68
CA GLU D 261 -13.25 -30.57 3.27
C GLU D 261 -12.04 -29.85 2.67
N LYS D 262 -11.39 -28.98 3.44
CA LYS D 262 -10.17 -28.35 2.96
C LYS D 262 -9.07 -29.37 2.73
N ALA D 263 -8.98 -30.38 3.60
CA ALA D 263 -7.93 -31.38 3.47
C ALA D 263 -8.15 -32.27 2.25
N LYS D 264 -9.41 -32.52 1.88
CA LYS D 264 -9.69 -33.28 0.67
C LYS D 264 -9.29 -32.50 -0.57
N ILE D 265 -9.62 -31.21 -0.62
CA ILE D 265 -9.27 -30.38 -1.76
C ILE D 265 -7.76 -30.24 -1.86
N SER D 266 -7.07 -30.17 -0.73
CA SER D 266 -5.63 -29.98 -0.70
C SER D 266 -4.84 -31.28 -0.77
N ARG D 267 -5.51 -32.43 -0.76
CA ARG D 267 -4.80 -33.70 -0.65
C ARG D 267 -3.82 -33.97 -1.81
N PRO D 268 -4.14 -33.71 -3.08
CA PRO D 268 -3.14 -33.98 -4.12
C PRO D 268 -1.89 -33.14 -3.98
N TYR D 269 -2.02 -31.88 -3.56
CA TYR D 269 -0.87 -30.99 -3.49
C TYR D 269 -0.05 -31.22 -2.23
N LYS D 270 -0.67 -31.69 -1.16
CA LYS D 270 0.10 -32.13 0.00
C LYS D 270 0.89 -33.40 -0.32
N ALA D 271 0.30 -34.29 -1.12
CA ALA D 271 0.97 -35.55 -1.44
C ALA D 271 2.20 -35.33 -2.30
N ILE D 272 2.15 -34.35 -3.20
CA ILE D 272 3.32 -34.04 -4.05
C ILE D 272 4.48 -33.53 -3.20
N ARG D 273 4.18 -32.84 -2.10
CA ARG D 273 5.25 -32.39 -1.20
C ARG D 273 5.60 -33.49 -0.19
N GLY D 274 5.52 -34.75 -0.62
CA GLY D 274 5.70 -35.85 0.30
C GLY D 274 7.14 -36.18 0.64
N LEU D 275 8.09 -35.73 -0.18
CA LEU D 275 9.50 -36.04 0.08
C LEU D 275 10.03 -35.39 1.35
N SER D 276 9.33 -34.39 1.88
CA SER D 276 9.82 -33.68 3.06
C SER D 276 9.88 -34.57 4.29
N GLU D 277 9.08 -35.63 4.34
CA GLU D 277 9.10 -36.55 5.47
C GLU D 277 10.25 -37.55 5.40
N TYR D 278 10.96 -37.62 4.27
CA TYR D 278 12.02 -38.59 4.10
C TYR D 278 13.42 -38.00 4.02
N VAL D 279 13.55 -36.74 3.63
CA VAL D 279 14.86 -36.11 3.40
C VAL D 279 14.87 -34.73 4.04
N CYS D 280 16.02 -34.36 4.62
CA CYS D 280 16.28 -33.00 5.06
C CYS D 280 17.37 -32.39 4.21
N ASN D 281 17.16 -31.17 3.76
CA ASN D 281 18.08 -30.53 2.83
C ASN D 281 19.36 -30.10 3.54
N GLY D 282 20.48 -30.22 2.83
CA GLY D 282 21.75 -29.71 3.31
C GLY D 282 22.01 -28.31 2.78
N ALA D 283 22.95 -27.63 3.42
CA ALA D 283 23.28 -26.25 3.07
C ALA D 283 24.71 -26.12 2.55
N ASP D 284 25.20 -27.15 1.86
CA ASP D 284 26.57 -27.09 1.34
C ASP D 284 26.69 -26.05 0.22
N HIS D 285 25.69 -25.97 -0.67
CA HIS D 285 25.71 -24.95 -1.71
C HIS D 285 25.61 -23.55 -1.11
N SER D 286 24.92 -23.41 0.03
CA SER D 286 24.89 -22.14 0.71
C SER D 286 26.25 -21.79 1.29
N TRP D 287 26.79 -22.65 2.15
CA TRP D 287 28.10 -22.41 2.74
C TRP D 287 29.19 -22.53 1.68
C1 EDO E . -12.68 22.09 -5.48
O1 EDO E . -13.77 22.23 -6.39
C2 EDO E . -13.02 21.04 -4.43
O2 EDO E . -12.05 21.08 -3.38
CL CL F . -34.41 -22.06 -7.60
C1 EDO G . 22.25 -0.97 45.37
O1 EDO G . 22.27 -1.85 44.24
C2 EDO G . 21.32 0.21 45.10
O2 EDO G . 21.31 1.08 46.23
C1 EDO H . 20.49 3.73 6.31
O1 EDO H . 21.39 4.50 5.53
C2 EDO H . 19.81 2.68 5.42
O2 EDO H . 18.81 1.99 6.17
CL CL I . 20.34 21.29 27.65
C1 EDO J . -26.74 22.55 -25.36
O1 EDO J . -26.77 21.26 -24.75
C2 EDO J . -25.32 23.09 -25.35
O2 EDO J . -25.27 24.33 -26.08
C1 EDO K . -22.08 28.49 -21.70
O1 EDO K . -22.72 28.57 -22.98
C2 EDO K . -20.93 29.48 -21.66
O2 EDO K . -19.96 29.15 -22.67
CL CL L . 14.00 9.51 8.32
C1 EDO M . 8.13 -18.56 -9.61
O1 EDO M . 7.36 -18.63 -10.81
C2 EDO M . 9.59 -18.88 -9.93
O2 EDO M . 10.36 -18.89 -8.73
C1 EDO N . 16.64 -36.68 -28.62
O1 EDO N . 17.00 -37.83 -27.85
C2 EDO N . 15.48 -35.95 -27.93
O2 EDO N . 15.08 -34.84 -28.73
CL CL O . 12.53 -41.04 -22.35
#